data_9GT4
#
_entry.id   9GT4
#
_cell.length_a   73.600
_cell.length_b   68.800
_cell.length_c   75.500
_cell.angle_alpha   90.00
_cell.angle_beta   105.80
_cell.angle_gamma   90.00
#
_symmetry.space_group_name_H-M   'P 1 21 1'
#
loop_
_entity.id
_entity.type
_entity.pdbx_description
1 polymer Deferrochelatase
2 non-polymer 'PROTOPORPHYRIN IX CONTAINING FE'
3 water water
#
_entity_poly.entity_id   1
_entity_poly.type   'polypeptide(L)'
_entity_poly.pdbx_seq_one_letter_code
;GSAVPFHGAHQAGIATPVQDRLHFAAFDVTTEDRAAFVALLKEWTAAARRLTAGHAVGEGAYGGLPEAPPDDTGEALGLK
PSRLTLTIGFGPSLFTRFGLADLRPEALADLPKFPGDNLDRARSGGDLCVQACADDPQVAVHAIRNLARIGFGKVVVRWS
QLGFGKTSSTTPDKQTPRNLLGFKDGTRNIAGTEKDRLDRFVWAAEKDGTPWMTGGSYLVARRIRMHIETWDRASLQEQE
DVFGRDKGEGAPVGKAKERDEPFLKAMKPDAHVRLAHPDSNGGATLLRRGYSFTDGTDGLGRLDAGLFFLAYQRDIRTGF
VPVQRNLATDALNEYIQHVGSAVFAVPPGVRDADDWWGSTLFG
;
_entity_poly.pdbx_strand_id   A,B
#
loop_
_chem_comp.id
_chem_comp.type
_chem_comp.name
_chem_comp.formula
HEM non-polymer 'PROTOPORPHYRIN IX CONTAINING FE' 'C34 H32 Fe N4 O4'
#
# COMPACT_ATOMS: atom_id res chain seq x y z
N GLY A 1 -17.24 -2.38 -8.05
CA GLY A 1 -16.32 -2.81 -9.13
C GLY A 1 -16.64 -2.17 -10.47
N SER A 2 -17.60 -1.23 -10.50
CA SER A 2 -18.15 -0.70 -11.74
C SER A 2 -17.19 0.33 -12.35
N ALA A 3 -17.45 0.74 -13.58
CA ALA A 3 -16.60 1.68 -14.29
C ALA A 3 -17.10 3.11 -14.04
N VAL A 4 -16.17 4.06 -14.02
CA VAL A 4 -16.50 5.48 -13.99
C VAL A 4 -16.31 6.02 -15.40
N PRO A 5 -17.34 6.67 -15.98
CA PRO A 5 -17.23 7.24 -17.33
C PRO A 5 -16.01 8.14 -17.52
N PHE A 6 -15.28 7.95 -18.62
CA PHE A 6 -14.03 8.64 -18.88
C PHE A 6 -14.26 10.00 -19.53
N HIS A 7 -15.27 10.09 -20.41
CA HIS A 7 -15.53 11.31 -21.17
C HIS A 7 -16.39 12.31 -20.36
N GLY A 8 -16.21 13.60 -20.62
CA GLY A 8 -17.07 14.62 -20.06
C GLY A 8 -16.49 16.03 -20.23
N ALA A 9 -17.24 17.04 -19.76
CA ALA A 9 -16.76 18.42 -19.78
C ALA A 9 -15.58 18.59 -18.84
N HIS A 10 -15.55 17.79 -17.76
CA HIS A 10 -14.46 17.79 -16.81
C HIS A 10 -13.81 16.42 -16.78
N GLN A 11 -12.54 16.35 -16.39
CA GLN A 11 -11.93 15.07 -16.09
C GLN A 11 -12.59 14.46 -14.85
N ALA A 12 -12.70 13.15 -14.87
CA ALA A 12 -13.06 12.37 -13.68
C ALA A 12 -11.87 12.33 -12.71
N GLY A 13 -12.13 11.89 -11.47
CA GLY A 13 -11.12 11.79 -10.43
C GLY A 13 -11.01 13.04 -9.56
N ILE A 14 -11.95 13.99 -9.66
CA ILE A 14 -11.97 15.23 -8.89
C ILE A 14 -13.24 15.27 -8.04
N ALA A 15 -14.42 15.47 -8.69
CA ALA A 15 -15.71 15.44 -8.02
C ALA A 15 -16.21 14.01 -7.78
N THR A 16 -15.64 13.02 -8.48
CA THR A 16 -15.94 11.60 -8.37
C THR A 16 -15.86 11.17 -6.92
N PRO A 17 -16.70 10.21 -6.44
CA PRO A 17 -16.49 9.61 -5.13
C PRO A 17 -15.05 9.11 -4.96
N VAL A 18 -14.51 9.31 -3.75
CA VAL A 18 -13.11 9.01 -3.50
C VAL A 18 -12.94 7.49 -3.38
N GLN A 19 -12.02 6.95 -4.23
CA GLN A 19 -11.70 5.53 -4.27
C GLN A 19 -10.71 5.16 -3.16
N ASP A 20 -10.61 3.85 -2.87
CA ASP A 20 -9.80 3.39 -1.73
C ASP A 20 -8.29 3.61 -1.90
N ARG A 21 -7.75 3.56 -3.12
CA ARG A 21 -6.32 3.51 -3.32
C ARG A 21 -5.87 4.60 -4.29
N LEU A 22 -4.61 5.01 -4.13
CA LEU A 22 -3.99 6.03 -4.98
C LEU A 22 -2.64 5.52 -5.48
N HIS A 23 -2.35 5.82 -6.75
CA HIS A 23 -0.98 5.77 -7.26
C HIS A 23 -0.77 7.04 -8.10
N PHE A 24 0.10 7.93 -7.59
CA PHE A 24 0.34 9.25 -8.15
C PHE A 24 1.74 9.25 -8.75
N ALA A 25 1.88 9.68 -10.01
CA ALA A 25 3.20 9.75 -10.62
C ALA A 25 3.42 11.13 -11.24
N ALA A 26 4.62 11.68 -11.04
CA ALA A 26 5.04 12.89 -11.68
C ALA A 26 6.10 12.51 -12.71
N PHE A 27 6.01 13.10 -13.90
CA PHE A 27 6.90 12.79 -15.01
C PHE A 27 7.61 14.06 -15.48
N ASP A 28 8.85 13.89 -15.96
CA ASP A 28 9.55 14.91 -16.72
C ASP A 28 9.61 14.55 -18.20
N VAL A 29 9.56 15.57 -19.07
CA VAL A 29 9.53 15.37 -20.51
C VAL A 29 10.98 15.40 -21.02
N THR A 30 11.35 14.44 -21.88
CA THR A 30 12.71 14.29 -22.39
C THR A 30 12.80 14.59 -23.90
N THR A 31 11.70 14.82 -24.61
CA THR A 31 11.74 15.12 -26.04
C THR A 31 11.57 16.62 -26.23
N GLU A 32 12.17 17.18 -27.29
CA GLU A 32 12.00 18.58 -27.67
C GLU A 32 11.07 18.73 -28.87
N ASP A 33 10.57 17.60 -29.39
CA ASP A 33 9.76 17.57 -30.58
C ASP A 33 8.28 17.66 -30.21
N ARG A 34 7.69 18.81 -30.50
CA ARG A 34 6.28 19.07 -30.23
C ARG A 34 5.35 17.99 -30.80
N ALA A 35 5.57 17.63 -32.08
CA ALA A 35 4.71 16.66 -32.75
C ALA A 35 4.80 15.30 -32.04
N ALA A 36 5.99 14.91 -31.61
CA ALA A 36 6.17 13.63 -30.92
C ALA A 36 5.42 13.64 -29.59
N PHE A 37 5.34 14.80 -28.93
CA PHE A 37 4.69 14.90 -27.63
C PHE A 37 3.17 14.84 -27.82
N VAL A 38 2.67 15.50 -28.86
CA VAL A 38 1.26 15.43 -29.20
C VAL A 38 0.88 13.98 -29.49
N ALA A 39 1.72 13.25 -30.22
CA ALA A 39 1.42 11.87 -30.57
C ALA A 39 1.31 11.02 -29.30
N LEU A 40 2.15 11.32 -28.29
CA LEU A 40 2.11 10.62 -27.01
C LEU A 40 0.80 10.89 -26.26
N LEU A 41 0.36 12.15 -26.24
CA LEU A 41 -0.90 12.49 -25.57
C LEU A 41 -2.05 11.69 -26.20
N LYS A 42 -2.07 11.58 -27.52
CA LYS A 42 -3.14 10.82 -28.19
C LYS A 42 -3.09 9.34 -27.82
N GLU A 43 -1.89 8.76 -27.81
CA GLU A 43 -1.71 7.34 -27.52
C GLU A 43 -2.08 7.05 -26.06
N TRP A 44 -1.72 7.96 -25.15
CA TRP A 44 -2.09 7.85 -23.75
C TRP A 44 -3.61 7.96 -23.57
N THR A 45 -4.28 8.84 -24.33
CA THR A 45 -5.73 8.95 -24.23
C THR A 45 -6.40 7.62 -24.64
N ALA A 46 -5.96 7.07 -25.79
CA ALA A 46 -6.46 5.79 -26.26
C ALA A 46 -6.28 4.69 -25.19
N ALA A 47 -5.11 4.63 -24.58
CA ALA A 47 -4.87 3.66 -23.53
C ALA A 47 -5.81 3.89 -22.34
N ALA A 48 -6.01 5.15 -21.96
CA ALA A 48 -6.84 5.47 -20.81
C ALA A 48 -8.29 4.99 -21.03
N ARG A 49 -8.85 5.18 -22.23
CA ARG A 49 -10.18 4.65 -22.58
C ARG A 49 -10.28 3.13 -22.32
N ARG A 50 -9.25 2.36 -22.65
CA ARG A 50 -9.26 0.92 -22.44
C ARG A 50 -9.16 0.60 -20.94
N LEU A 51 -8.15 1.18 -20.26
CA LEU A 51 -7.88 0.88 -18.86
C LEU A 51 -9.09 1.20 -17.98
N THR A 52 -9.76 2.34 -18.19
CA THR A 52 -10.86 2.76 -17.31
C THR A 52 -12.09 1.89 -17.55
N ALA A 53 -12.12 1.09 -18.65
CA ALA A 53 -13.21 0.17 -18.91
C ALA A 53 -12.88 -1.27 -18.54
N GLY A 54 -11.65 -1.51 -18.04
CA GLY A 54 -11.23 -2.83 -17.62
C GLY A 54 -10.73 -3.69 -18.78
N HIS A 55 -10.37 -3.05 -19.90
CA HIS A 55 -9.79 -3.74 -21.06
C HIS A 55 -8.27 -3.53 -21.13
N ALA A 56 -7.55 -4.47 -21.75
CA ALA A 56 -6.11 -4.38 -21.93
C ALA A 56 -5.78 -3.35 -23.01
N VAL A 57 -4.59 -2.74 -22.95
CA VAL A 57 -4.20 -1.73 -23.92
CA VAL A 57 -4.10 -1.75 -23.88
C VAL A 57 -3.75 -2.41 -25.22
N GLY A 58 -3.83 -1.64 -26.30
CA GLY A 58 -3.40 -2.07 -27.63
C GLY A 58 -4.06 -3.40 -28.02
N GLU A 59 -3.25 -4.33 -28.51
CA GLU A 59 -3.76 -5.61 -28.98
C GLU A 59 -3.88 -6.66 -27.88
N GLY A 60 -3.68 -6.33 -26.59
CA GLY A 60 -3.94 -7.29 -25.53
C GLY A 60 -2.66 -7.79 -24.84
N ALA A 61 -2.87 -8.69 -23.88
CA ALA A 61 -1.86 -9.17 -22.97
C ALA A 61 -1.29 -10.53 -23.40
N TYR A 62 -1.96 -11.22 -24.34
CA TYR A 62 -1.42 -12.46 -24.87
C TYR A 62 -2.09 -12.73 -26.22
N GLY A 63 -1.62 -13.77 -26.92
CA GLY A 63 -2.24 -14.24 -28.15
C GLY A 63 -1.78 -13.47 -29.39
N GLY A 64 -0.75 -12.65 -29.25
CA GLY A 64 -0.10 -12.03 -30.39
C GLY A 64 1.07 -12.90 -30.86
N LEU A 65 1.95 -12.29 -31.66
CA LEU A 65 3.13 -12.95 -32.20
C LEU A 65 3.98 -13.42 -31.02
N PRO A 66 4.42 -14.70 -30.97
CA PRO A 66 5.30 -15.17 -29.89
C PRO A 66 6.59 -14.38 -29.71
N GLU A 67 7.12 -13.79 -30.81
CA GLU A 67 8.44 -13.18 -30.74
C GLU A 67 8.35 -11.70 -30.42
N ALA A 68 7.15 -11.17 -30.13
CA ALA A 68 7.02 -9.78 -29.73
C ALA A 68 6.63 -9.68 -28.26
N PRO A 69 7.08 -8.60 -27.57
CA PRO A 69 6.57 -8.29 -26.22
C PRO A 69 5.08 -7.99 -26.28
N PRO A 70 4.29 -8.45 -25.30
CA PRO A 70 2.87 -8.11 -25.29
C PRO A 70 2.61 -6.61 -25.14
N ASP A 71 1.51 -6.14 -25.77
CA ASP A 71 1.14 -4.74 -25.68
C ASP A 71 0.74 -4.33 -24.26
N ASP A 72 0.12 -5.26 -23.50
CA ASP A 72 -0.32 -5.01 -22.15
C ASP A 72 0.44 -5.96 -21.24
N THR A 73 0.92 -5.46 -20.10
CA THR A 73 1.80 -6.23 -19.21
C THR A 73 1.08 -7.37 -18.49
N GLY A 74 -0.27 -7.36 -18.43
CA GLY A 74 -1.04 -8.56 -18.12
C GLY A 74 -1.48 -8.75 -16.67
N GLU A 75 -1.02 -7.96 -15.70
CA GLU A 75 -1.30 -8.26 -14.29
C GLU A 75 -2.70 -7.79 -13.84
N ALA A 76 -3.47 -7.12 -14.72
CA ALA A 76 -4.85 -6.81 -14.44
C ALA A 76 -5.82 -7.74 -15.17
N LEU A 77 -5.33 -8.77 -15.86
CA LEU A 77 -6.24 -9.72 -16.51
C LEU A 77 -7.20 -10.32 -15.49
N GLY A 78 -8.49 -10.33 -15.87
CA GLY A 78 -9.56 -10.93 -15.08
C GLY A 78 -10.03 -10.05 -13.91
N LEU A 79 -9.61 -8.76 -13.86
CA LEU A 79 -10.06 -7.88 -12.79
C LEU A 79 -11.12 -6.93 -13.36
N LYS A 80 -12.03 -6.45 -12.50
CA LYS A 80 -13.01 -5.44 -12.87
C LYS A 80 -12.38 -4.05 -12.95
N PRO A 81 -13.03 -3.07 -13.63
CA PRO A 81 -12.51 -1.69 -13.70
C PRO A 81 -12.22 -1.08 -12.33
N SER A 82 -12.97 -1.45 -11.30
CA SER A 82 -12.67 -1.07 -9.91
C SER A 82 -12.67 0.46 -9.70
N ARG A 83 -13.56 1.15 -10.41
CA ARG A 83 -13.73 2.60 -10.36
C ARG A 83 -12.44 3.35 -10.70
N LEU A 84 -11.58 2.77 -11.54
CA LEU A 84 -10.37 3.48 -11.97
C LEU A 84 -10.70 4.83 -12.63
N THR A 85 -10.06 5.91 -12.10
CA THR A 85 -9.97 7.18 -12.81
C THR A 85 -8.51 7.52 -13.07
N LEU A 86 -8.27 8.23 -14.20
CA LEU A 86 -6.95 8.70 -14.60
C LEU A 86 -7.06 10.20 -14.93
N THR A 87 -6.35 11.04 -14.14
CA THR A 87 -6.44 12.49 -14.23
C THR A 87 -5.05 13.07 -14.56
N ILE A 88 -4.92 13.83 -15.65
CA ILE A 88 -3.62 14.37 -16.06
C ILE A 88 -3.54 15.84 -15.66
N GLY A 89 -2.32 16.28 -15.31
CA GLY A 89 -2.03 17.69 -15.10
C GLY A 89 -0.68 18.09 -15.71
N PHE A 90 -0.54 19.40 -15.94
CA PHE A 90 0.66 20.00 -16.50
C PHE A 90 1.30 20.96 -15.49
N GLY A 91 2.58 20.76 -15.22
CA GLY A 91 3.35 21.59 -14.30
C GLY A 91 3.87 22.89 -14.94
N PRO A 92 4.18 23.91 -14.12
CA PRO A 92 4.75 25.16 -14.65
C PRO A 92 5.96 25.00 -15.57
N SER A 93 6.84 24.03 -15.25
CA SER A 93 8.03 23.74 -16.04
C SER A 93 7.72 23.30 -17.48
N LEU A 94 6.57 22.70 -17.74
CA LEU A 94 6.23 22.29 -19.10
C LEU A 94 6.23 23.50 -20.05
N PHE A 95 5.87 24.68 -19.55
CA PHE A 95 5.56 25.82 -20.40
C PHE A 95 6.85 26.49 -20.91
N THR A 96 8.02 26.05 -20.44
CA THR A 96 9.29 26.47 -21.02
C THR A 96 9.62 25.67 -22.30
N ARG A 97 8.75 24.77 -22.74
CA ARG A 97 9.02 23.95 -23.92
C ARG A 97 7.92 24.16 -24.95
N PHE A 98 8.22 23.72 -26.18
CA PHE A 98 7.29 23.60 -27.30
C PHE A 98 6.60 24.93 -27.62
N GLY A 99 7.21 26.07 -27.26
CA GLY A 99 6.66 27.37 -27.59
C GLY A 99 5.43 27.76 -26.78
N LEU A 100 5.31 27.22 -25.57
CA LEU A 100 4.10 27.33 -24.74
C LEU A 100 4.18 28.50 -23.77
N ALA A 101 5.27 29.29 -23.76
CA ALA A 101 5.53 30.26 -22.70
C ALA A 101 4.34 31.19 -22.44
N ASP A 102 3.73 31.76 -23.49
CA ASP A 102 2.67 32.75 -23.33
C ASP A 102 1.33 32.12 -22.97
N LEU A 103 1.27 30.78 -22.85
CA LEU A 103 0.00 30.13 -22.55
C LEU A 103 -0.04 29.63 -21.09
N ARG A 104 1.04 29.83 -20.30
CA ARG A 104 1.01 29.51 -18.89
C ARG A 104 -0.09 30.31 -18.21
N PRO A 105 -1.07 29.67 -17.52
CA PRO A 105 -2.11 30.42 -16.83
C PRO A 105 -1.58 31.19 -15.62
N GLU A 106 -2.12 32.40 -15.43
CA GLU A 106 -1.84 33.21 -14.24
C GLU A 106 -2.21 32.45 -12.95
N ALA A 107 -3.31 31.70 -13.00
CA ALA A 107 -3.81 30.96 -11.85
C ALA A 107 -2.89 29.80 -11.43
N LEU A 108 -2.00 29.36 -12.33
CA LEU A 108 -0.99 28.35 -12.01
C LEU A 108 0.19 29.07 -11.37
N ALA A 109 0.06 29.39 -10.08
CA ALA A 109 1.03 30.23 -9.37
C ALA A 109 2.07 29.36 -8.67
N ASP A 110 3.33 29.81 -8.67
CA ASP A 110 4.34 29.17 -7.86
C ASP A 110 4.01 29.47 -6.41
N LEU A 111 4.23 28.49 -5.51
CA LEU A 111 3.87 28.70 -4.12
C LEU A 111 4.98 29.51 -3.44
N PRO A 112 4.69 30.40 -2.47
CA PRO A 112 5.76 31.01 -1.69
C PRO A 112 6.36 29.99 -0.74
N LYS A 113 7.44 30.37 -0.05
CA LYS A 113 7.98 29.55 1.02
C LYS A 113 7.10 29.74 2.25
N PHE A 114 6.90 28.65 3.01
CA PHE A 114 6.05 28.67 4.19
C PHE A 114 6.94 28.31 5.36
N PRO A 115 6.73 28.92 6.55
CA PRO A 115 7.54 28.61 7.70
C PRO A 115 7.42 27.13 8.08
N GLY A 116 8.54 26.48 8.34
CA GLY A 116 8.53 25.06 8.70
C GLY A 116 8.76 24.11 7.51
N ASP A 117 8.68 24.61 6.26
CA ASP A 117 8.87 23.79 5.04
C ASP A 117 10.26 23.14 5.12
N ASN A 118 10.35 21.88 4.68
CA ASN A 118 11.61 21.17 4.51
C ASN A 118 11.50 20.31 3.24
N LEU A 119 11.46 20.94 2.07
CA LEU A 119 11.03 20.28 0.83
C LEU A 119 12.22 19.56 0.19
N ASP A 120 12.06 18.25 -0.04
CA ASP A 120 13.00 17.48 -0.85
C ASP A 120 12.80 17.82 -2.34
N ARG A 121 13.83 18.38 -2.99
CA ARG A 121 13.76 18.76 -4.40
C ARG A 121 13.50 17.56 -5.32
N ALA A 122 13.92 16.37 -4.89
CA ALA A 122 13.79 15.18 -5.72
C ALA A 122 12.36 14.67 -5.76
N ARG A 123 11.59 14.90 -4.70
N ARG A 123 11.61 14.88 -4.67
CA ARG A 123 10.22 14.44 -4.64
CA ARG A 123 10.21 14.46 -4.54
C ARG A 123 9.30 15.65 -4.66
C ARG A 123 9.26 15.64 -4.71
N SER A 124 9.69 16.65 -5.48
CA SER A 124 8.92 17.87 -5.71
C SER A 124 8.90 18.19 -7.20
N GLY A 125 7.96 19.04 -7.61
CA GLY A 125 7.83 19.50 -8.98
C GLY A 125 7.45 18.36 -9.94
N GLY A 126 7.74 18.60 -11.22
CA GLY A 126 7.38 17.69 -12.30
C GLY A 126 6.78 18.45 -13.48
N ASP A 127 7.09 18.04 -14.72
CA ASP A 127 6.53 18.63 -15.92
C ASP A 127 5.05 18.24 -16.07
N LEU A 128 4.69 17.04 -15.62
CA LEU A 128 3.29 16.63 -15.67
C LEU A 128 2.99 15.53 -14.65
N CYS A 129 1.70 15.27 -14.39
CA CYS A 129 1.33 14.25 -13.42
C CYS A 129 0.22 13.39 -13.98
N VAL A 130 0.13 12.17 -13.44
CA VAL A 130 -1.02 11.31 -13.64
C VAL A 130 -1.46 10.82 -12.24
N GLN A 131 -2.71 11.13 -11.86
CA GLN A 131 -3.31 10.63 -10.63
C GLN A 131 -4.14 9.42 -11.00
N ALA A 132 -3.74 8.23 -10.54
CA ALA A 132 -4.57 7.04 -10.73
C ALA A 132 -5.21 6.67 -9.41
N CYS A 133 -6.56 6.61 -9.39
CA CYS A 133 -7.29 6.20 -8.21
C CYS A 133 -8.17 5.00 -8.59
N ALA A 134 -8.23 3.99 -7.72
CA ALA A 134 -9.10 2.83 -7.92
C ALA A 134 -9.32 2.12 -6.59
N ASP A 135 -10.26 1.17 -6.53
CA ASP A 135 -10.49 0.44 -5.29
C ASP A 135 -9.53 -0.74 -5.15
N ASP A 136 -8.84 -1.10 -6.23
CA ASP A 136 -7.92 -2.21 -6.27
C ASP A 136 -6.53 -1.68 -6.56
N PRO A 137 -5.54 -1.89 -5.65
CA PRO A 137 -4.18 -1.39 -5.88
C PRO A 137 -3.51 -1.93 -7.12
N GLN A 138 -3.85 -3.18 -7.51
CA GLN A 138 -3.22 -3.81 -8.64
C GLN A 138 -3.67 -3.11 -9.93
N VAL A 139 -4.95 -2.73 -9.99
CA VAL A 139 -5.48 -2.00 -11.15
C VAL A 139 -4.77 -0.65 -11.27
N ALA A 140 -4.54 0.06 -10.14
CA ALA A 140 -3.88 1.35 -10.21
C ALA A 140 -2.41 1.22 -10.64
N VAL A 141 -1.67 0.25 -10.09
CA VAL A 141 -0.26 0.06 -10.48
C VAL A 141 -0.16 -0.28 -11.97
N HIS A 142 -1.03 -1.20 -12.44
CA HIS A 142 -1.07 -1.58 -13.84
C HIS A 142 -1.24 -0.36 -14.75
N ALA A 143 -2.15 0.56 -14.41
CA ALA A 143 -2.37 1.76 -15.25
C ALA A 143 -1.10 2.61 -15.37
N ILE A 144 -0.47 2.95 -14.24
CA ILE A 144 0.74 3.77 -14.25
C ILE A 144 1.89 3.07 -14.99
N ARG A 145 2.10 1.79 -14.72
CA ARG A 145 3.14 1.02 -15.41
C ARG A 145 3.01 1.02 -16.94
N ASN A 146 1.78 0.85 -17.46
CA ASN A 146 1.54 0.78 -18.89
C ASN A 146 1.68 2.15 -19.53
N LEU A 147 1.20 3.23 -18.87
CA LEU A 147 1.41 4.58 -19.38
C LEU A 147 2.89 4.91 -19.46
N ALA A 148 3.65 4.57 -18.41
CA ALA A 148 5.09 4.83 -18.41
C ALA A 148 5.78 4.06 -19.54
N ARG A 149 5.39 2.82 -19.76
CA ARG A 149 5.99 2.00 -20.81
C ARG A 149 5.73 2.61 -22.20
N ILE A 150 4.49 3.01 -22.45
CA ILE A 150 4.13 3.62 -23.72
C ILE A 150 4.95 4.90 -23.95
N GLY A 151 5.24 5.65 -22.89
CA GLY A 151 5.94 6.93 -23.02
C GLY A 151 7.46 6.80 -23.02
N PHE A 152 8.00 5.56 -22.96
CA PHE A 152 9.44 5.34 -22.88
C PHE A 152 10.13 6.12 -24.01
N GLY A 153 11.17 6.88 -23.66
CA GLY A 153 11.88 7.67 -24.64
C GLY A 153 11.32 9.08 -24.82
N LYS A 154 10.11 9.38 -24.30
CA LYS A 154 9.59 10.73 -24.42
C LYS A 154 9.34 11.38 -23.05
N VAL A 155 9.16 10.53 -22.03
CA VAL A 155 8.95 10.99 -20.66
C VAL A 155 9.62 9.98 -19.72
N VAL A 156 9.96 10.45 -18.50
CA VAL A 156 10.51 9.58 -17.46
C VAL A 156 9.76 9.92 -16.17
N VAL A 157 9.64 8.93 -15.28
CA VAL A 157 9.08 9.14 -13.96
C VAL A 157 10.08 9.90 -13.09
N ARG A 158 9.68 11.05 -12.57
CA ARG A 158 10.47 11.82 -11.63
C ARG A 158 10.33 11.27 -10.21
N TRP A 159 9.10 11.12 -9.73
CA TRP A 159 8.82 10.65 -8.38
C TRP A 159 7.39 10.08 -8.38
N SER A 160 7.11 9.19 -7.41
CA SER A 160 5.78 8.63 -7.32
C SER A 160 5.39 8.50 -5.85
N GLN A 161 4.07 8.40 -5.59
CA GLN A 161 3.55 8.24 -4.23
C GLN A 161 2.35 7.29 -4.28
N LEU A 162 2.42 6.22 -3.48
CA LEU A 162 1.28 5.36 -3.25
C LEU A 162 0.56 5.75 -1.96
N GLY A 163 -0.78 5.69 -2.01
CA GLY A 163 -1.61 5.92 -0.84
C GLY A 163 -2.44 4.68 -0.52
N PHE A 164 -2.27 4.13 0.69
CA PHE A 164 -2.88 2.84 0.99
C PHE A 164 -4.35 2.97 1.38
N GLY A 165 -4.78 4.17 1.77
CA GLY A 165 -6.15 4.42 2.22
C GLY A 165 -6.47 5.90 2.12
N LYS A 166 -7.74 6.22 1.85
CA LYS A 166 -8.18 7.59 1.64
C LYS A 166 -8.36 8.31 2.99
N THR A 167 -8.18 9.63 2.95
CA THR A 167 -8.38 10.51 4.11
CA THR A 167 -8.41 10.49 4.12
C THR A 167 -9.22 11.70 3.66
N SER A 168 -10.20 11.46 2.76
CA SER A 168 -11.01 12.53 2.20
C SER A 168 -12.39 12.00 1.81
N SER A 169 -13.34 12.91 1.53
CA SER A 169 -14.71 12.56 1.18
C SER A 169 -15.32 13.60 0.23
N THR A 170 -15.91 13.15 -0.88
CA THR A 170 -16.80 13.95 -1.72
C THR A 170 -18.24 13.41 -1.67
N THR A 171 -18.54 12.54 -0.70
CA THR A 171 -19.83 11.87 -0.55
C THR A 171 -20.23 11.99 0.92
N PRO A 172 -20.90 13.08 1.34
CA PRO A 172 -21.26 13.29 2.75
C PRO A 172 -22.28 12.30 3.31
N ASP A 173 -22.92 11.52 2.43
CA ASP A 173 -23.89 10.50 2.77
C ASP A 173 -23.20 9.22 3.26
N LYS A 174 -21.88 9.11 3.08
CA LYS A 174 -21.16 7.91 3.44
C LYS A 174 -20.27 8.24 4.64
N GLN A 175 -19.79 7.18 5.32
CA GLN A 175 -18.92 7.33 6.48
C GLN A 175 -17.66 8.12 6.11
N THR A 176 -17.28 9.08 6.98
CA THR A 176 -16.06 9.87 6.74
C THR A 176 -14.85 9.03 7.20
N PRO A 177 -13.77 8.92 6.42
CA PRO A 177 -12.61 8.11 6.84
C PRO A 177 -11.74 8.83 7.86
N ARG A 178 -10.89 8.06 8.55
CA ARG A 178 -9.96 8.64 9.53
C ARG A 178 -8.53 8.65 9.01
N ASN A 179 -7.81 9.71 9.35
CA ASN A 179 -6.37 9.79 9.11
C ASN A 179 -5.61 9.03 10.21
N LEU A 180 -4.26 8.97 10.10
CA LEU A 180 -3.45 8.18 11.02
C LEU A 180 -3.28 8.85 12.40
N LEU A 181 -3.79 10.07 12.55
CA LEU A 181 -3.90 10.69 13.86
C LEU A 181 -5.18 10.24 14.57
N GLY A 182 -6.08 9.50 13.88
CA GLY A 182 -7.24 8.92 14.52
C GLY A 182 -8.51 9.78 14.42
N PHE A 183 -8.41 10.90 13.70
CA PHE A 183 -9.53 11.83 13.50
C PHE A 183 -10.15 11.66 12.12
N LYS A 184 -11.50 11.80 12.05
CA LYS A 184 -12.21 11.93 10.79
C LYS A 184 -11.69 13.14 10.00
N ASP A 185 -11.55 12.94 8.71
CA ASP A 185 -10.97 13.91 7.80
C ASP A 185 -11.81 13.90 6.51
N GLY A 186 -12.54 15.01 6.28
CA GLY A 186 -13.36 15.19 5.09
C GLY A 186 -14.80 15.62 5.38
N THR A 187 -15.16 15.84 6.66
CA THR A 187 -16.52 16.22 7.02
C THR A 187 -17.01 17.44 6.22
N ARG A 188 -16.29 18.57 6.29
CA ARG A 188 -16.68 19.81 5.61
C ARG A 188 -15.80 20.01 4.38
N ASN A 189 -16.21 19.39 3.27
N ASN A 189 -16.13 19.29 3.32
CA ASN A 189 -15.51 19.45 2.01
CA ASN A 189 -15.49 19.37 2.01
C ASN A 189 -16.47 20.09 1.01
C ASN A 189 -16.61 19.48 0.99
N ILE A 190 -16.28 19.78 -0.27
CA ILE A 190 -17.27 20.03 -1.31
C ILE A 190 -17.72 18.67 -1.82
N ALA A 191 -19.03 18.43 -1.89
CA ALA A 191 -19.59 17.19 -2.39
C ALA A 191 -19.72 17.20 -3.92
N GLY A 192 -19.66 16.00 -4.51
CA GLY A 192 -19.78 15.82 -5.95
C GLY A 192 -21.13 16.29 -6.50
N THR A 193 -22.16 16.26 -5.64
CA THR A 193 -23.51 16.70 -6.02
C THR A 193 -23.69 18.22 -5.94
N GLU A 194 -22.73 18.99 -5.41
CA GLU A 194 -22.95 20.41 -5.13
C GLU A 194 -22.46 21.26 -6.31
N LYS A 195 -23.26 21.27 -7.39
CA LYS A 195 -22.86 21.79 -8.69
C LYS A 195 -22.50 23.27 -8.63
N ASP A 196 -23.24 24.07 -7.84
CA ASP A 196 -23.00 25.50 -7.70
C ASP A 196 -21.67 25.79 -7.00
N ARG A 197 -21.32 25.01 -5.97
CA ARG A 197 -20.09 25.21 -5.22
C ARG A 197 -18.86 24.80 -6.01
N LEU A 198 -18.99 23.74 -6.84
CA LEU A 198 -17.95 23.31 -7.77
C LEU A 198 -17.69 24.41 -8.82
N ASP A 199 -18.74 24.98 -9.43
CA ASP A 199 -18.58 26.09 -10.36
C ASP A 199 -17.92 27.30 -9.71
N ARG A 200 -18.26 27.59 -8.44
CA ARG A 200 -17.73 28.76 -7.76
C ARG A 200 -16.26 28.56 -7.34
N PHE A 201 -15.92 27.36 -6.82
CA PHE A 201 -14.65 27.16 -6.14
C PHE A 201 -13.65 26.21 -6.82
N VAL A 202 -14.09 25.38 -7.78
CA VAL A 202 -13.20 24.34 -8.31
C VAL A 202 -12.93 24.50 -9.80
N TRP A 203 -13.96 24.72 -10.63
CA TRP A 203 -13.76 24.73 -12.08
C TRP A 203 -13.31 26.12 -12.55
N ALA A 204 -12.32 26.13 -13.46
CA ALA A 204 -11.91 27.36 -14.13
C ALA A 204 -12.97 27.81 -15.13
N ALA A 205 -13.14 29.14 -15.26
CA ALA A 205 -14.14 29.68 -16.17
C ALA A 205 -13.49 30.51 -17.28
N GLU A 206 -14.23 30.74 -18.37
CA GLU A 206 -13.67 31.44 -19.50
C GLU A 206 -13.20 32.85 -19.10
N LYS A 207 -14.01 33.55 -18.30
CA LYS A 207 -13.74 34.93 -17.90
C LYS A 207 -12.51 35.05 -17.00
N ASP A 208 -12.04 33.93 -16.42
CA ASP A 208 -10.90 33.98 -15.51
C ASP A 208 -9.63 34.39 -16.25
N GLY A 209 -9.58 34.26 -17.59
CA GLY A 209 -8.49 34.86 -18.36
C GLY A 209 -7.62 33.86 -19.12
N THR A 210 -7.94 32.56 -19.09
CA THR A 210 -7.17 31.59 -19.84
C THR A 210 -8.13 30.63 -20.55
N PRO A 211 -8.53 30.93 -21.81
CA PRO A 211 -9.55 30.16 -22.50
C PRO A 211 -9.31 28.64 -22.56
N TRP A 212 -8.07 28.17 -22.80
CA TRP A 212 -7.84 26.73 -22.95
C TRP A 212 -8.11 25.95 -21.66
N MET A 213 -8.15 26.65 -20.50
CA MET A 213 -8.33 26.00 -19.20
C MET A 213 -9.79 25.93 -18.77
N THR A 214 -10.74 26.45 -19.57
CA THR A 214 -12.17 26.48 -19.23
C THR A 214 -12.65 25.06 -18.96
N GLY A 215 -13.15 24.79 -17.75
CA GLY A 215 -13.61 23.45 -17.41
C GLY A 215 -12.54 22.62 -16.70
N GLY A 216 -11.31 23.15 -16.61
CA GLY A 216 -10.25 22.48 -15.88
C GLY A 216 -10.21 22.96 -14.43
N SER A 217 -9.13 22.59 -13.73
CA SER A 217 -8.94 22.97 -12.32
C SER A 217 -7.44 23.12 -12.04
N TYR A 218 -7.07 23.53 -10.83
CA TYR A 218 -5.68 23.58 -10.42
C TYR A 218 -5.48 22.69 -9.20
N LEU A 219 -4.33 22.00 -9.17
CA LEU A 219 -4.00 20.99 -8.17
C LEU A 219 -2.76 21.43 -7.39
N VAL A 220 -2.86 21.35 -6.06
CA VAL A 220 -1.69 21.40 -5.18
C VAL A 220 -1.52 20.06 -4.50
N ALA A 221 -0.29 19.55 -4.54
CA ALA A 221 0.10 18.35 -3.84
C ALA A 221 1.13 18.69 -2.76
N ARG A 222 0.92 18.16 -1.55
CA ARG A 222 1.87 18.34 -0.45
C ARG A 222 2.09 17.02 0.28
N ARG A 223 3.35 16.58 0.33
CA ARG A 223 3.71 15.39 1.06
C ARG A 223 3.99 15.81 2.50
N ILE A 224 3.23 15.26 3.45
CA ILE A 224 3.32 15.74 4.83
C ILE A 224 3.67 14.59 5.78
N ARG A 225 4.83 14.67 6.45
CA ARG A 225 5.20 13.69 7.45
C ARG A 225 4.51 14.00 8.79
N MET A 226 4.12 12.94 9.51
CA MET A 226 3.46 13.09 10.81
C MET A 226 4.39 12.59 11.92
N HIS A 227 4.52 13.40 13.00
CA HIS A 227 5.39 13.03 14.10
C HIS A 227 4.61 12.14 15.08
N ILE A 228 4.43 10.87 14.75
CA ILE A 228 3.49 10.05 15.50
C ILE A 228 3.99 9.71 16.90
N GLU A 229 5.32 9.58 17.12
CA GLU A 229 5.81 9.40 18.49
C GLU A 229 5.31 10.54 19.41
N THR A 230 5.47 11.77 18.94
CA THR A 230 5.12 12.98 19.68
C THR A 230 3.60 13.02 19.90
N TRP A 231 2.83 12.73 18.85
CA TRP A 231 1.35 12.71 18.93
C TRP A 231 0.85 11.66 19.91
N ASP A 232 1.44 10.46 19.91
CA ASP A 232 0.86 9.36 20.66
C ASP A 232 1.10 9.50 22.17
N ARG A 233 1.96 10.42 22.61
CA ARG A 233 2.12 10.70 24.03
C ARG A 233 1.32 11.94 24.47
N ALA A 234 0.65 12.64 23.54
CA ALA A 234 -0.21 13.74 23.91
C ALA A 234 -1.48 13.22 24.59
N SER A 235 -2.03 14.00 25.53
CA SER A 235 -3.31 13.66 26.16
C SER A 235 -4.48 13.78 25.17
N LEU A 236 -5.59 13.09 25.46
CA LEU A 236 -6.82 13.19 24.68
C LEU A 236 -7.24 14.66 24.55
N GLN A 237 -7.21 15.40 25.68
CA GLN A 237 -7.65 16.81 25.62
C GLN A 237 -6.74 17.64 24.71
N GLU A 238 -5.43 17.39 24.73
CA GLU A 238 -4.50 18.07 23.84
C GLU A 238 -4.86 17.79 22.38
N GLN A 239 -5.12 16.53 22.06
CA GLN A 239 -5.44 16.15 20.68
C GLN A 239 -6.70 16.88 20.19
N GLU A 240 -7.75 16.85 21.01
CA GLU A 240 -9.02 17.46 20.67
C GLU A 240 -8.88 18.98 20.52
N ASP A 241 -8.09 19.64 21.38
CA ASP A 241 -7.87 21.07 21.30
C ASP A 241 -7.15 21.49 20.02
N VAL A 242 -6.26 20.63 19.53
CA VAL A 242 -5.51 20.92 18.32
C VAL A 242 -6.47 21.13 17.15
N PHE A 243 -7.54 20.31 17.07
CA PHE A 243 -8.43 20.34 15.93
C PHE A 243 -9.65 21.24 16.13
N GLY A 244 -10.24 21.20 17.33
CA GLY A 244 -11.49 21.89 17.60
C GLY A 244 -12.71 20.97 17.47
N ARG A 245 -12.46 19.67 17.26
CA ARG A 245 -13.50 18.64 17.19
C ARG A 245 -13.13 17.53 18.17
N ASP A 246 -14.11 16.77 18.67
CA ASP A 246 -13.85 15.65 19.55
C ASP A 246 -13.40 14.43 18.74
N LYS A 247 -12.72 13.45 19.37
CA LYS A 247 -12.10 12.38 18.59
C LYS A 247 -13.11 11.29 18.18
N GLY A 248 -13.99 10.89 19.11
CA GLY A 248 -14.91 9.78 18.94
C GLY A 248 -15.95 10.03 17.85
N GLU A 249 -16.74 11.08 18.01
CA GLU A 249 -17.79 11.43 17.06
C GLU A 249 -17.27 12.37 15.96
N GLY A 250 -16.26 13.20 16.23
CA GLY A 250 -15.82 14.21 15.29
C GLY A 250 -16.77 15.42 15.21
N ALA A 251 -17.51 15.67 16.30
CA ALA A 251 -18.38 16.84 16.37
C ALA A 251 -17.57 18.09 16.70
N PRO A 252 -18.01 19.30 16.27
CA PRO A 252 -17.41 20.53 16.77
C PRO A 252 -17.49 20.60 18.29
N VAL A 253 -16.47 21.20 18.93
CA VAL A 253 -16.41 21.32 20.39
C VAL A 253 -17.77 21.88 20.90
N GLY A 254 -18.34 21.20 21.88
CA GLY A 254 -19.60 21.62 22.48
C GLY A 254 -20.84 20.95 21.87
N LYS A 255 -20.73 20.37 20.66
CA LYS A 255 -21.89 19.88 19.93
C LYS A 255 -21.94 18.35 19.96
N ALA A 256 -23.03 17.77 19.49
CA ALA A 256 -23.25 16.34 19.68
C ALA A 256 -22.93 15.51 18.44
N LYS A 257 -23.03 16.06 17.22
CA LYS A 257 -22.94 15.28 16.01
C LYS A 257 -21.90 15.84 15.05
N GLU A 258 -21.24 14.92 14.33
CA GLU A 258 -20.23 15.20 13.32
C GLU A 258 -20.61 16.38 12.42
N ARG A 259 -21.83 16.33 11.88
CA ARG A 259 -22.21 17.27 10.83
C ARG A 259 -22.92 18.51 11.37
N ASP A 260 -23.03 18.67 12.69
CA ASP A 260 -23.47 19.96 13.24
C ASP A 260 -22.47 21.05 12.82
N GLU A 261 -22.94 22.30 12.62
CA GLU A 261 -22.05 23.34 12.11
C GLU A 261 -21.11 23.83 13.21
N PRO A 262 -19.81 24.06 12.90
CA PRO A 262 -18.89 24.58 13.90
C PRO A 262 -19.33 25.94 14.44
N PHE A 263 -19.18 26.11 15.76
CA PHE A 263 -19.21 27.43 16.39
C PHE A 263 -17.78 27.83 16.74
N LEU A 264 -17.17 28.66 15.89
CA LEU A 264 -15.72 28.88 15.90
C LEU A 264 -15.21 29.52 17.19
N LYS A 265 -16.03 30.38 17.83
CA LYS A 265 -15.54 31.10 19.01
C LYS A 265 -15.40 30.20 20.23
N ALA A 266 -15.93 28.98 20.21
CA ALA A 266 -15.74 28.03 21.28
C ALA A 266 -14.40 27.28 21.15
N MET A 267 -13.76 27.37 19.99
CA MET A 267 -12.50 26.67 19.73
C MET A 267 -11.32 27.52 20.23
N LYS A 268 -10.19 26.87 20.54
CA LYS A 268 -8.96 27.60 20.79
C LYS A 268 -8.61 28.46 19.58
N PRO A 269 -7.96 29.62 19.77
CA PRO A 269 -7.65 30.52 18.67
C PRO A 269 -6.70 29.95 17.62
N ASP A 270 -5.92 28.92 18.00
CA ASP A 270 -4.96 28.26 17.12
C ASP A 270 -5.44 26.88 16.67
N ALA A 271 -6.74 26.58 16.82
CA ALA A 271 -7.28 25.29 16.44
C ALA A 271 -7.29 25.19 14.92
N HIS A 272 -7.00 23.98 14.42
CA HIS A 272 -6.89 23.80 12.98
C HIS A 272 -8.17 24.18 12.23
N VAL A 273 -9.32 23.67 12.71
CA VAL A 273 -10.59 23.92 12.02
C VAL A 273 -10.89 25.41 12.00
N ARG A 274 -10.61 26.09 13.12
CA ARG A 274 -10.89 27.53 13.20
C ARG A 274 -10.08 28.34 12.17
N LEU A 275 -8.78 28.02 12.04
CA LEU A 275 -7.89 28.72 11.12
C LEU A 275 -8.18 28.35 9.67
N ALA A 276 -8.65 27.12 9.41
CA ALA A 276 -8.82 26.63 8.05
C ALA A 276 -10.19 26.97 7.46
N HIS A 277 -11.17 27.30 8.32
CA HIS A 277 -12.56 27.46 7.91
C HIS A 277 -12.70 28.62 6.92
N PRO A 278 -13.57 28.52 5.89
CA PRO A 278 -13.78 29.58 4.91
C PRO A 278 -14.07 30.97 5.51
N ASP A 279 -14.80 30.99 6.63
CA ASP A 279 -15.17 32.25 7.28
C ASP A 279 -13.97 32.96 7.88
N SER A 280 -12.86 32.23 8.11
CA SER A 280 -11.62 32.82 8.60
C SER A 280 -10.72 33.25 7.44
N ASN A 281 -11.14 33.06 6.17
CA ASN A 281 -10.24 33.20 5.04
C ASN A 281 -10.95 33.93 3.91
N GLY A 282 -11.89 34.83 4.24
CA GLY A 282 -12.59 35.59 3.21
C GLY A 282 -13.40 34.70 2.28
N GLY A 283 -13.89 33.55 2.78
CA GLY A 283 -14.69 32.65 2.01
C GLY A 283 -13.91 31.62 1.17
N ALA A 284 -12.57 31.66 1.14
CA ALA A 284 -11.76 30.65 0.46
C ALA A 284 -12.13 29.22 0.88
N THR A 285 -12.41 28.38 -0.14
CA THR A 285 -12.91 27.02 0.02
C THR A 285 -12.14 26.11 -0.95
N LEU A 286 -11.82 24.88 -0.50
CA LEU A 286 -11.00 23.93 -1.26
C LEU A 286 -11.76 22.63 -1.46
N LEU A 287 -11.44 21.87 -2.51
CA LEU A 287 -11.80 20.46 -2.57
C LEU A 287 -10.58 19.59 -2.21
N ARG A 288 -10.62 18.98 -1.01
CA ARG A 288 -9.56 18.14 -0.49
C ARG A 288 -9.79 16.71 -0.94
N ARG A 289 -8.70 16.02 -1.35
CA ARG A 289 -8.82 14.69 -1.95
C ARG A 289 -7.60 13.82 -1.65
N GLY A 290 -7.05 13.92 -0.43
CA GLY A 290 -5.80 13.24 -0.06
C GLY A 290 -5.96 11.80 0.45
N TYR A 291 -4.78 11.19 0.68
CA TYR A 291 -4.62 9.78 1.07
C TYR A 291 -3.50 9.64 2.11
N SER A 292 -3.57 8.59 2.95
CA SER A 292 -2.53 8.24 3.93
C SER A 292 -1.42 7.43 3.25
N PHE A 293 -0.20 7.52 3.80
CA PHE A 293 0.89 6.66 3.35
C PHE A 293 1.73 6.18 4.54
N THR A 294 2.46 5.06 4.33
CA THR A 294 3.56 4.65 5.20
C THR A 294 4.61 4.01 4.31
N ASP A 295 5.82 4.53 4.41
N ASP A 295 5.88 4.43 4.38
CA ASP A 295 6.94 4.05 3.61
CA ASP A 295 6.86 3.86 3.45
C ASP A 295 7.96 3.49 4.59
C ASP A 295 7.96 3.09 4.19
N GLY A 296 7.60 2.38 5.25
CA GLY A 296 8.55 1.56 5.98
C GLY A 296 8.83 2.11 7.38
N THR A 297 10.09 1.99 7.83
CA THR A 297 10.50 2.59 9.10
C THR A 297 11.36 3.81 8.78
N ASP A 298 11.66 4.58 9.83
CA ASP A 298 12.50 5.76 9.70
C ASP A 298 13.96 5.48 10.00
N GLY A 299 14.33 4.22 10.27
CA GLY A 299 15.69 3.84 10.64
C GLY A 299 16.03 4.14 12.11
N LEU A 300 15.07 4.73 12.84
CA LEU A 300 15.24 5.04 14.27
C LEU A 300 14.26 4.23 15.14
N GLY A 301 13.78 3.06 14.67
CA GLY A 301 13.03 2.17 15.53
C GLY A 301 11.51 2.39 15.48
N ARG A 302 11.06 3.24 14.55
CA ARG A 302 9.67 3.67 14.51
C ARG A 302 9.05 3.51 13.11
N LEU A 303 7.73 3.34 13.05
CA LEU A 303 7.01 3.39 11.77
C LEU A 303 7.07 4.79 11.19
N ASP A 304 7.20 4.87 9.89
CA ASP A 304 7.06 6.12 9.16
C ASP A 304 5.57 6.31 8.86
N ALA A 305 5.09 7.54 8.89
CA ALA A 305 3.68 7.77 8.55
C ALA A 305 3.46 9.20 8.06
N GLY A 306 2.47 9.36 7.18
CA GLY A 306 2.22 10.66 6.61
C GLY A 306 0.88 10.73 5.90
N LEU A 307 0.66 11.89 5.34
CA LEU A 307 -0.54 12.19 4.58
C LEU A 307 -0.10 12.90 3.31
N PHE A 308 -0.57 12.39 2.16
CA PHE A 308 -0.33 12.97 0.85
C PHE A 308 -1.54 13.85 0.55
N PHE A 309 -1.36 15.15 0.79
CA PHE A 309 -2.43 16.13 0.73
C PHE A 309 -2.63 16.55 -0.73
N LEU A 310 -3.88 16.49 -1.22
CA LEU A 310 -4.23 16.94 -2.56
C LEU A 310 -5.39 17.91 -2.45
N ALA A 311 -5.26 19.11 -3.06
CA ALA A 311 -6.37 20.06 -3.09
C ALA A 311 -6.61 20.56 -4.51
N TYR A 312 -7.90 20.61 -4.91
CA TYR A 312 -8.30 21.19 -6.18
C TYR A 312 -9.02 22.51 -5.91
N GLN A 313 -8.85 23.45 -6.85
CA GLN A 313 -9.39 24.81 -6.72
C GLN A 313 -9.36 25.53 -8.07
N ARG A 314 -10.18 26.57 -8.17
CA ARG A 314 -10.32 27.39 -9.37
C ARG A 314 -9.11 28.30 -9.64
N ASP A 315 -8.39 28.69 -8.59
CA ASP A 315 -7.23 29.56 -8.71
C ASP A 315 -6.35 29.33 -7.49
N ILE A 316 -5.09 28.91 -7.66
CA ILE A 316 -4.23 28.64 -6.50
C ILE A 316 -4.08 29.89 -5.59
N ARG A 317 -4.12 31.08 -6.20
CA ARG A 317 -3.93 32.33 -5.49
C ARG A 317 -5.08 32.65 -4.53
N THR A 318 -6.28 32.15 -4.82
CA THR A 318 -7.45 32.41 -4.00
C THR A 318 -7.93 31.15 -3.25
N GLY A 319 -7.18 30.04 -3.33
CA GLY A 319 -7.58 28.81 -2.68
C GLY A 319 -6.56 28.35 -1.64
N PHE A 320 -5.64 27.47 -2.05
CA PHE A 320 -4.62 26.94 -1.14
C PHE A 320 -3.75 28.03 -0.49
N VAL A 321 -3.31 29.04 -1.24
CA VAL A 321 -2.35 30.01 -0.72
C VAL A 321 -2.91 30.76 0.49
N PRO A 322 -4.05 31.48 0.43
CA PRO A 322 -4.54 32.17 1.62
C PRO A 322 -4.79 31.25 2.81
N VAL A 323 -5.32 30.04 2.58
CA VAL A 323 -5.58 29.11 3.68
C VAL A 323 -4.27 28.68 4.35
N GLN A 324 -3.26 28.21 3.60
CA GLN A 324 -1.99 27.76 4.17
C GLN A 324 -1.27 28.90 4.90
N ARG A 325 -1.33 30.12 4.36
CA ARG A 325 -0.80 31.26 5.10
C ARG A 325 -1.44 31.42 6.49
N ASN A 326 -2.76 31.28 6.58
CA ASN A 326 -3.47 31.40 7.84
C ASN A 326 -3.10 30.27 8.81
N LEU A 327 -2.52 29.18 8.29
CA LEU A 327 -2.12 28.09 9.16
C LEU A 327 -0.72 28.31 9.76
N ALA A 328 -0.12 29.49 9.58
CA ALA A 328 1.17 29.78 10.21
C ALA A 328 1.18 29.55 11.72
N THR A 329 0.07 29.77 12.45
CA THR A 329 0.04 29.61 13.91
C THR A 329 -0.74 28.36 14.37
N ASP A 330 -1.03 27.44 13.44
CA ASP A 330 -1.82 26.25 13.74
C ASP A 330 -1.15 25.41 14.80
N ALA A 331 -1.92 25.02 15.82
CA ALA A 331 -1.52 24.02 16.80
C ALA A 331 -1.03 22.72 16.17
N LEU A 332 -1.54 22.36 14.99
CA LEU A 332 -1.14 21.11 14.32
C LEU A 332 0.33 21.13 13.89
N ASN A 333 0.93 22.32 13.71
CA ASN A 333 2.30 22.43 13.19
C ASN A 333 3.33 21.74 14.08
N GLU A 334 3.03 21.60 15.37
CA GLU A 334 3.86 20.84 16.30
C GLU A 334 4.02 19.37 15.90
N TYR A 335 3.10 18.83 15.10
CA TYR A 335 3.09 17.39 14.86
C TYR A 335 3.29 16.99 13.39
N ILE A 336 3.55 17.93 12.48
CA ILE A 336 3.63 17.66 11.05
C ILE A 336 4.82 18.42 10.45
N GLN A 337 5.26 18.00 9.26
CA GLN A 337 6.25 18.73 8.49
C GLN A 337 5.98 18.50 7.01
N HIS A 338 5.92 19.58 6.24
CA HIS A 338 5.77 19.44 4.79
C HIS A 338 7.15 19.17 4.19
N VAL A 339 7.25 18.04 3.47
CA VAL A 339 8.53 17.61 2.90
C VAL A 339 8.52 17.39 1.38
N GLY A 340 7.42 17.70 0.70
CA GLY A 340 7.37 17.64 -0.76
C GLY A 340 6.23 18.50 -1.28
N SER A 341 6.35 19.07 -2.50
CA SER A 341 5.39 20.04 -3.02
C SER A 341 5.37 20.02 -4.54
N ALA A 342 4.18 20.24 -5.14
CA ALA A 342 4.03 20.37 -6.58
C ALA A 342 2.70 21.02 -6.92
N VAL A 343 2.68 21.80 -8.02
CA VAL A 343 1.44 22.38 -8.53
C VAL A 343 1.27 21.97 -10.00
N PHE A 344 0.01 21.81 -10.41
CA PHE A 344 -0.37 21.42 -11.76
C PHE A 344 -1.66 22.11 -12.23
N ALA A 345 -1.69 22.44 -13.54
CA ALA A 345 -2.90 22.81 -14.25
C ALA A 345 -3.55 21.55 -14.79
N VAL A 346 -4.80 21.30 -14.38
CA VAL A 346 -5.55 20.11 -14.77
C VAL A 346 -6.49 20.50 -15.90
N PRO A 347 -6.23 20.07 -17.16
CA PRO A 347 -7.00 20.55 -18.29
C PRO A 347 -8.45 20.10 -18.24
N PRO A 348 -9.30 20.65 -19.13
CA PRO A 348 -10.68 20.19 -19.27
C PRO A 348 -10.78 18.73 -19.69
N GLY A 349 -12.02 18.27 -19.63
CA GLY A 349 -12.38 16.90 -19.96
C GLY A 349 -12.18 16.55 -21.44
N VAL A 350 -12.10 15.24 -21.65
CA VAL A 350 -12.05 14.62 -22.97
C VAL A 350 -13.51 14.45 -23.41
N ARG A 351 -13.91 15.22 -24.42
CA ARG A 351 -15.33 15.44 -24.72
C ARG A 351 -15.97 14.18 -25.30
N ASP A 352 -15.23 13.49 -26.17
CA ASP A 352 -15.73 12.32 -26.87
C ASP A 352 -14.55 11.49 -27.40
N ALA A 353 -14.85 10.47 -28.21
CA ALA A 353 -13.85 9.50 -28.65
C ALA A 353 -12.87 10.07 -29.66
N ASP A 354 -13.16 11.22 -30.26
CA ASP A 354 -12.21 11.85 -31.16
C ASP A 354 -11.29 12.84 -30.43
N ASP A 355 -11.56 13.16 -29.17
CA ASP A 355 -10.79 14.17 -28.45
C ASP A 355 -9.59 13.50 -27.78
N TRP A 356 -8.70 14.32 -27.18
CA TRP A 356 -7.47 13.85 -26.56
C TRP A 356 -7.03 14.82 -25.46
N TRP A 357 -6.33 14.25 -24.45
CA TRP A 357 -5.75 14.98 -23.33
C TRP A 357 -4.89 16.15 -23.86
N GLY A 358 -5.21 17.38 -23.45
CA GLY A 358 -4.40 18.55 -23.80
C GLY A 358 -4.74 19.20 -25.13
N SER A 359 -5.82 18.73 -25.80
CA SER A 359 -6.18 19.23 -27.12
C SER A 359 -6.47 20.73 -27.13
N THR A 360 -6.93 21.31 -26.00
CA THR A 360 -7.29 22.72 -26.01
C THR A 360 -6.02 23.57 -25.94
N LEU A 361 -4.93 23.01 -25.37
CA LEU A 361 -3.66 23.71 -25.24
C LEU A 361 -2.90 23.63 -26.56
N PHE A 362 -2.79 22.40 -27.10
CA PHE A 362 -2.03 22.12 -28.31
C PHE A 362 -2.95 22.27 -29.52
N GLY B 1 -16.88 -14.09 5.02
CA GLY B 1 -16.56 -14.09 6.46
C GLY B 1 -16.17 -12.70 6.99
N SER B 2 -16.30 -12.55 8.32
CA SER B 2 -16.13 -11.29 9.03
C SER B 2 -14.91 -11.35 9.96
N ALA B 3 -14.81 -12.37 10.82
CA ALA B 3 -13.71 -12.51 11.79
C ALA B 3 -13.16 -13.93 11.77
N VAL B 4 -11.90 -14.10 12.18
CA VAL B 4 -11.25 -15.41 12.23
C VAL B 4 -10.88 -15.67 13.68
N PRO B 5 -11.25 -16.82 14.27
CA PRO B 5 -10.99 -17.06 15.68
C PRO B 5 -9.49 -17.01 16.03
N PHE B 6 -9.17 -16.33 17.13
CA PHE B 6 -7.79 -16.13 17.58
C PHE B 6 -7.23 -17.38 18.28
N HIS B 7 -8.08 -18.09 19.05
CA HIS B 7 -7.64 -19.22 19.84
C HIS B 7 -7.61 -20.50 19.01
N GLY B 8 -6.71 -21.42 19.36
CA GLY B 8 -6.65 -22.72 18.70
C GLY B 8 -5.39 -23.50 19.06
N ALA B 9 -5.28 -24.72 18.53
CA ALA B 9 -4.07 -25.50 18.72
C ALA B 9 -2.92 -24.88 17.92
N HIS B 10 -3.25 -24.22 16.81
CA HIS B 10 -2.26 -23.54 16.00
C HIS B 10 -2.61 -22.05 15.96
N GLN B 11 -1.61 -21.19 15.67
CA GLN B 11 -1.90 -19.79 15.44
C GLN B 11 -2.65 -19.64 14.11
N ALA B 12 -3.57 -18.70 14.05
CA ALA B 12 -4.24 -18.33 12.82
C ALA B 12 -3.26 -17.59 11.91
N GLY B 13 -3.62 -17.46 10.62
CA GLY B 13 -2.81 -16.71 9.67
C GLY B 13 -1.85 -17.61 8.90
N ILE B 14 -1.98 -18.95 9.04
CA ILE B 14 -1.12 -19.89 8.34
C ILE B 14 -1.94 -20.75 7.39
N ALA B 15 -2.82 -21.57 7.98
CA ALA B 15 -3.75 -22.42 7.25
C ALA B 15 -5.12 -21.77 7.07
N THR B 16 -5.37 -20.59 7.65
CA THR B 16 -6.67 -19.94 7.55
C THR B 16 -6.75 -19.18 6.23
N PRO B 17 -7.98 -18.85 5.70
CA PRO B 17 -8.09 -18.24 4.38
C PRO B 17 -7.23 -16.99 4.19
N VAL B 18 -6.65 -16.87 2.99
CA VAL B 18 -5.74 -15.79 2.67
C VAL B 18 -6.51 -14.47 2.49
N GLN B 19 -6.11 -13.45 3.26
CA GLN B 19 -6.73 -12.14 3.28
C GLN B 19 -6.08 -11.24 2.23
N ASP B 20 -6.74 -10.14 1.89
CA ASP B 20 -6.34 -9.30 0.76
C ASP B 20 -5.07 -8.48 0.97
N ARG B 21 -4.72 -8.16 2.24
CA ARG B 21 -3.64 -7.23 2.53
C ARG B 21 -2.74 -7.74 3.66
N LEU B 22 -1.48 -7.24 3.67
CA LEU B 22 -0.45 -7.61 4.64
C LEU B 22 0.21 -6.35 5.18
N HIS B 23 0.48 -6.36 6.49
CA HIS B 23 1.52 -5.54 7.09
C HIS B 23 2.40 -6.41 7.97
N PHE B 24 3.65 -6.61 7.52
CA PHE B 24 4.61 -7.49 8.19
C PHE B 24 5.65 -6.62 8.90
N ALA B 25 5.88 -6.85 10.18
CA ALA B 25 6.92 -6.08 10.86
C ALA B 25 7.86 -7.01 11.63
N ALA B 26 9.15 -6.67 11.55
CA ALA B 26 10.18 -7.31 12.36
C ALA B 26 10.57 -6.33 13.46
N PHE B 27 10.77 -6.87 14.67
CA PHE B 27 11.11 -6.09 15.85
C PHE B 27 12.43 -6.58 16.45
N ASP B 28 13.20 -5.63 17.02
CA ASP B 28 14.33 -5.99 17.87
C ASP B 28 14.01 -5.71 19.34
N VAL B 29 14.51 -6.59 20.21
CA VAL B 29 14.29 -6.46 21.66
C VAL B 29 15.38 -5.61 22.30
N THR B 30 15.00 -4.66 23.18
CA THR B 30 15.96 -3.78 23.82
C THR B 30 16.14 -4.09 25.32
N THR B 31 15.30 -4.91 25.93
CA THR B 31 15.46 -5.23 27.35
C THR B 31 16.25 -6.51 27.50
N GLU B 32 16.97 -6.61 28.64
CA GLU B 32 17.69 -7.81 28.99
C GLU B 32 16.92 -8.63 30.03
N ASP B 33 15.80 -8.07 30.52
CA ASP B 33 15.09 -8.61 31.67
C ASP B 33 14.02 -9.57 31.16
N ARG B 34 14.17 -10.85 31.48
CA ARG B 34 13.26 -11.89 31.07
C ARG B 34 11.85 -11.62 31.59
N ALA B 35 11.74 -11.16 32.84
CA ALA B 35 10.42 -10.95 33.45
C ALA B 35 9.67 -9.85 32.72
N ALA B 36 10.40 -8.81 32.32
CA ALA B 36 9.83 -7.69 31.60
C ALA B 36 9.35 -8.08 30.21
N PHE B 37 10.08 -8.99 29.55
CA PHE B 37 9.71 -9.51 28.24
C PHE B 37 8.45 -10.39 28.32
N VAL B 38 8.37 -11.30 29.32
CA VAL B 38 7.18 -12.10 29.54
C VAL B 38 5.96 -11.22 29.80
N ALA B 39 6.11 -10.16 30.60
CA ALA B 39 5.01 -9.24 30.86
C ALA B 39 4.52 -8.64 29.56
N LEU B 40 5.45 -8.32 28.65
CA LEU B 40 5.09 -7.74 27.35
C LEU B 40 4.28 -8.75 26.54
N LEU B 41 4.74 -10.02 26.48
CA LEU B 41 4.04 -11.03 25.69
C LEU B 41 2.60 -11.17 26.17
N LYS B 42 2.35 -11.12 27.49
CA LYS B 42 1.01 -11.17 28.05
C LYS B 42 0.18 -9.95 27.62
N GLU B 43 0.73 -8.74 27.69
CA GLU B 43 0.02 -7.53 27.27
C GLU B 43 -0.31 -7.57 25.79
N TRP B 44 0.65 -7.98 24.96
CA TRP B 44 0.44 -8.12 23.53
C TRP B 44 -0.67 -9.12 23.22
N THR B 45 -0.69 -10.24 23.94
CA THR B 45 -1.73 -11.24 23.70
C THR B 45 -3.10 -10.67 24.02
N ALA B 46 -3.22 -9.96 25.15
CA ALA B 46 -4.49 -9.32 25.50
C ALA B 46 -4.92 -8.32 24.42
N ALA B 47 -3.99 -7.53 23.93
CA ALA B 47 -4.30 -6.59 22.83
C ALA B 47 -4.78 -7.32 21.59
N ALA B 48 -4.10 -8.44 21.25
CA ALA B 48 -4.41 -9.15 20.02
C ALA B 48 -5.84 -9.71 20.09
N ARG B 49 -6.27 -10.21 21.26
CA ARG B 49 -7.64 -10.68 21.43
C ARG B 49 -8.65 -9.59 21.08
N ARG B 50 -8.38 -8.34 21.51
CA ARG B 50 -9.23 -7.20 21.20
C ARG B 50 -9.17 -6.84 19.70
N LEU B 51 -7.95 -6.71 19.14
CA LEU B 51 -7.82 -6.28 17.77
C LEU B 51 -8.51 -7.24 16.79
N THR B 52 -8.34 -8.56 16.97
CA THR B 52 -8.86 -9.54 16.04
C THR B 52 -10.39 -9.63 16.12
N ALA B 53 -10.99 -9.06 17.18
CA ALA B 53 -12.45 -9.06 17.28
C ALA B 53 -13.02 -7.70 16.88
N GLY B 54 -12.17 -6.76 16.42
CA GLY B 54 -12.60 -5.43 15.98
C GLY B 54 -12.80 -4.42 17.11
N HIS B 55 -12.28 -4.70 18.30
CA HIS B 55 -12.35 -3.78 19.44
C HIS B 55 -11.02 -3.04 19.62
N ALA B 56 -11.13 -1.87 20.24
CA ALA B 56 -10.00 -1.05 20.65
C ALA B 56 -9.20 -1.71 21.77
N VAL B 57 -7.90 -1.37 21.83
CA VAL B 57 -7.03 -1.89 22.89
C VAL B 57 -7.30 -1.16 24.20
N GLY B 58 -7.03 -1.87 25.31
CA GLY B 58 -7.10 -1.30 26.65
C GLY B 58 -8.49 -0.72 26.97
N GLU B 59 -8.56 0.51 27.52
CA GLU B 59 -9.80 1.18 27.87
CA GLU B 59 -9.88 1.06 27.82
C GLU B 59 -10.39 1.95 26.68
N GLY B 60 -9.71 1.95 25.52
CA GLY B 60 -10.35 2.43 24.30
C GLY B 60 -9.63 3.63 23.66
N ALA B 61 -10.25 4.23 22.63
CA ALA B 61 -9.65 5.30 21.85
C ALA B 61 -10.17 6.70 22.25
N TYR B 62 -11.21 6.73 23.08
CA TYR B 62 -11.75 8.00 23.55
C TYR B 62 -12.59 7.74 24.81
N GLY B 63 -13.03 8.79 25.50
CA GLY B 63 -13.92 8.64 26.65
C GLY B 63 -13.24 8.36 27.99
N GLY B 64 -11.90 8.31 28.04
CA GLY B 64 -11.20 8.17 29.30
C GLY B 64 -10.89 9.54 29.91
N LEU B 65 -9.96 9.56 30.87
CA LEU B 65 -9.53 10.81 31.50
C LEU B 65 -9.01 11.76 30.41
N PRO B 66 -9.48 13.02 30.36
CA PRO B 66 -8.97 13.97 29.39
C PRO B 66 -7.46 14.20 29.45
N GLU B 67 -6.85 14.07 30.64
CA GLU B 67 -5.46 14.44 30.78
C GLU B 67 -4.54 13.24 30.54
N ALA B 68 -5.09 12.06 30.16
CA ALA B 68 -4.27 10.89 29.83
C ALA B 68 -4.25 10.67 28.30
N PRO B 69 -3.15 10.13 27.76
CA PRO B 69 -3.17 9.66 26.38
C PRO B 69 -4.14 8.49 26.21
N PRO B 70 -4.90 8.43 25.10
CA PRO B 70 -5.78 7.29 24.88
C PRO B 70 -5.00 5.97 24.77
N ASP B 71 -5.61 4.88 25.22
CA ASP B 71 -5.00 3.56 25.16
C ASP B 71 -4.86 3.05 23.72
N ASP B 72 -5.78 3.45 22.84
CA ASP B 72 -5.80 3.05 21.43
C ASP B 72 -5.73 4.31 20.59
N THR B 73 -4.93 4.29 19.50
CA THR B 73 -4.62 5.48 18.71
C THR B 73 -5.80 5.88 17.80
N GLY B 74 -6.81 5.02 17.63
CA GLY B 74 -8.12 5.48 17.17
C GLY B 74 -8.37 5.39 15.66
N GLU B 75 -7.38 5.02 14.81
CA GLU B 75 -7.55 5.10 13.37
C GLU B 75 -8.36 3.93 12.78
N ALA B 76 -8.72 2.92 13.58
CA ALA B 76 -9.60 1.85 13.14
C ALA B 76 -11.03 1.97 13.68
N LEU B 77 -11.38 3.07 14.36
CA LEU B 77 -12.74 3.28 14.80
C LEU B 77 -13.68 3.28 13.62
N GLY B 78 -14.76 2.52 13.74
CA GLY B 78 -15.75 2.44 12.68
C GLY B 78 -15.46 1.40 11.59
N LEU B 79 -14.34 0.67 11.65
CA LEU B 79 -14.03 -0.34 10.67
C LEU B 79 -14.46 -1.70 11.22
N LYS B 80 -14.44 -2.72 10.38
CA LYS B 80 -14.87 -4.05 10.77
C LYS B 80 -13.62 -4.86 11.15
N PRO B 81 -13.76 -6.05 11.77
CA PRO B 81 -12.59 -6.90 12.05
C PRO B 81 -11.78 -7.25 10.80
N SER B 82 -12.47 -7.39 9.65
CA SER B 82 -11.79 -7.51 8.37
CA SER B 82 -11.86 -7.55 8.34
C SER B 82 -10.94 -8.77 8.29
N ARG B 83 -11.35 -9.85 8.98
CA ARG B 83 -10.62 -11.10 9.00
C ARG B 83 -9.17 -10.94 9.49
N LEU B 84 -8.91 -9.96 10.36
CA LEU B 84 -7.56 -9.78 10.91
C LEU B 84 -7.08 -11.05 11.61
N THR B 85 -5.83 -11.45 11.25
CA THR B 85 -5.05 -12.41 12.01
C THR B 85 -3.72 -11.77 12.39
N LEU B 86 -3.20 -12.13 13.56
CA LEU B 86 -1.91 -11.67 14.06
C LEU B 86 -1.11 -12.92 14.42
N THR B 87 0.04 -13.10 13.75
CA THR B 87 0.86 -14.29 13.91
C THR B 87 2.25 -13.85 14.39
N ILE B 88 2.70 -14.38 15.53
CA ILE B 88 4.01 -14.02 16.10
C ILE B 88 5.04 -15.11 15.79
N GLY B 89 6.30 -14.67 15.59
CA GLY B 89 7.42 -15.58 15.42
C GLY B 89 8.69 -15.08 16.11
N PHE B 90 9.60 -16.03 16.41
CA PHE B 90 10.84 -15.76 17.13
C PHE B 90 12.05 -16.04 16.23
N GLY B 91 12.93 -15.03 16.07
CA GLY B 91 14.13 -15.16 15.25
C GLY B 91 15.28 -15.83 16.00
N PRO B 92 16.29 -16.33 15.27
CA PRO B 92 17.44 -16.97 15.92
C PRO B 92 18.14 -16.09 16.96
N SER B 93 18.16 -14.78 16.71
CA SER B 93 18.86 -13.81 17.56
C SER B 93 18.16 -13.62 18.91
N LEU B 94 16.87 -13.97 19.04
CA LEU B 94 16.21 -13.92 20.33
C LEU B 94 16.85 -14.91 21.30
N PHE B 95 17.37 -16.04 20.80
CA PHE B 95 17.80 -17.14 21.66
C PHE B 95 19.17 -16.84 22.28
N THR B 96 19.83 -15.75 21.88
CA THR B 96 21.01 -15.30 22.61
C THR B 96 20.67 -14.49 23.87
N ARG B 97 19.37 -14.18 24.13
CA ARG B 97 18.94 -13.46 25.32
C ARG B 97 18.21 -14.40 26.28
N PHE B 98 18.03 -13.94 27.52
CA PHE B 98 17.14 -14.54 28.51
C PHE B 98 17.52 -15.99 28.84
N GLY B 99 18.76 -16.41 28.56
CA GLY B 99 19.22 -17.75 28.88
C GLY B 99 18.63 -18.85 28.01
N LEU B 100 18.25 -18.52 26.76
CA LEU B 100 17.49 -19.43 25.92
C LEU B 100 18.35 -20.22 24.93
N ALA B 101 19.68 -20.13 24.99
CA ALA B 101 20.50 -20.65 23.89
C ALA B 101 20.28 -22.15 23.61
N ASP B 102 20.03 -22.96 24.64
CA ASP B 102 19.84 -24.39 24.49
C ASP B 102 18.42 -24.78 24.08
N LEU B 103 17.51 -23.81 23.89
CA LEU B 103 16.15 -24.09 23.46
C LEU B 103 15.91 -23.64 22.01
N ARG B 104 16.96 -23.15 21.32
CA ARG B 104 16.81 -22.89 19.89
C ARG B 104 16.55 -24.20 19.13
N PRO B 105 15.46 -24.33 18.32
CA PRO B 105 15.21 -25.57 17.59
C PRO B 105 16.27 -25.79 16.52
N GLU B 106 16.70 -27.04 16.36
CA GLU B 106 17.56 -27.39 15.23
C GLU B 106 16.91 -27.05 13.88
N ALA B 107 15.57 -27.15 13.78
CA ALA B 107 14.87 -26.82 12.54
C ALA B 107 14.90 -25.33 12.17
N LEU B 108 15.26 -24.46 13.13
CA LEU B 108 15.42 -23.03 12.90
C LEU B 108 16.86 -22.82 12.47
N ALA B 109 17.13 -23.21 11.22
CA ALA B 109 18.48 -23.21 10.68
C ALA B 109 18.77 -21.84 10.07
N ASP B 110 20.01 -21.37 10.22
CA ASP B 110 20.50 -20.23 9.45
C ASP B 110 20.53 -20.59 7.96
N LEU B 111 20.11 -19.65 7.11
CA LEU B 111 20.13 -19.87 5.67
C LEU B 111 21.55 -19.73 5.15
N PRO B 112 21.96 -20.56 4.18
CA PRO B 112 23.19 -20.28 3.46
C PRO B 112 23.07 -19.08 2.54
N LYS B 113 24.22 -18.65 2.04
CA LYS B 113 24.29 -17.61 1.03
C LYS B 113 23.89 -18.30 -0.26
N PHE B 114 23.00 -17.70 -1.06
CA PHE B 114 22.62 -18.30 -2.33
C PHE B 114 23.18 -17.43 -3.45
N PRO B 115 23.50 -18.03 -4.62
CA PRO B 115 23.99 -17.23 -5.74
C PRO B 115 23.06 -16.08 -6.12
N GLY B 116 23.63 -14.89 -6.31
CA GLY B 116 22.90 -13.68 -6.73
C GLY B 116 22.24 -12.89 -5.58
N ASP B 117 22.33 -13.39 -4.34
CA ASP B 117 21.82 -12.68 -3.17
C ASP B 117 22.44 -11.29 -3.12
N ASN B 118 21.63 -10.30 -2.74
CA ASN B 118 22.08 -8.93 -2.52
C ASN B 118 21.26 -8.35 -1.37
N LEU B 119 21.50 -8.92 -0.19
CA LEU B 119 20.67 -8.70 0.98
C LEU B 119 21.03 -7.36 1.62
N ASP B 120 20.01 -6.52 1.88
CA ASP B 120 20.16 -5.31 2.66
C ASP B 120 20.05 -5.72 4.14
N ARG B 121 21.13 -5.54 4.92
CA ARG B 121 21.13 -5.90 6.33
C ARG B 121 20.06 -5.16 7.14
N ALA B 122 19.71 -3.93 6.77
CA ALA B 122 18.72 -3.13 7.48
C ALA B 122 17.30 -3.65 7.26
N ARG B 123 17.07 -4.41 6.17
CA ARG B 123 15.77 -5.01 5.91
C ARG B 123 15.84 -6.53 5.99
N SER B 124 16.72 -7.05 6.84
CA SER B 124 16.91 -8.47 7.08
C SER B 124 16.95 -8.74 8.58
N GLY B 125 16.76 -10.00 8.95
CA GLY B 125 16.83 -10.43 10.33
C GLY B 125 15.71 -9.88 11.22
N GLY B 126 15.96 -9.88 12.53
CA GLY B 126 15.01 -9.43 13.52
C GLY B 126 14.85 -10.46 14.63
N ASP B 127 14.70 -9.97 15.87
CA ASP B 127 14.49 -10.85 17.01
C ASP B 127 13.10 -11.49 17.00
N LEU B 128 12.09 -10.76 16.49
CA LEU B 128 10.67 -11.09 16.56
CA LEU B 128 10.77 -11.34 16.37
C LEU B 128 9.99 -10.64 15.25
N CYS B 129 8.87 -11.27 14.86
CA CYS B 129 8.01 -10.75 13.82
C CYS B 129 6.54 -10.82 14.27
N VAL B 130 5.74 -9.92 13.71
CA VAL B 130 4.28 -9.99 13.70
C VAL B 130 3.83 -9.84 12.26
N GLN B 131 3.15 -10.88 11.78
CA GLN B 131 2.45 -10.87 10.51
C GLN B 131 0.98 -10.48 10.76
N ALA B 132 0.57 -9.32 10.25
CA ALA B 132 -0.79 -8.86 10.34
C ALA B 132 -1.44 -8.93 8.96
N CYS B 133 -2.45 -9.79 8.82
CA CYS B 133 -3.17 -9.91 7.57
C CYS B 133 -4.63 -9.52 7.77
N ALA B 134 -5.21 -8.78 6.83
CA ALA B 134 -6.60 -8.36 6.91
C ALA B 134 -7.07 -7.94 5.53
N ASP B 135 -8.38 -7.76 5.39
CA ASP B 135 -8.91 -7.33 4.10
C ASP B 135 -8.81 -5.82 3.92
N ASP B 136 -8.66 -5.09 5.00
CA ASP B 136 -8.57 -3.65 4.92
C ASP B 136 -7.17 -3.26 5.42
N PRO B 137 -6.34 -2.52 4.65
CA PRO B 137 -4.99 -2.26 5.10
C PRO B 137 -4.88 -1.37 6.33
N GLN B 138 -5.88 -0.49 6.56
CA GLN B 138 -5.87 0.36 7.73
C GLN B 138 -6.06 -0.47 8.99
N VAL B 139 -6.80 -1.56 8.91
CA VAL B 139 -6.94 -2.44 10.06
C VAL B 139 -5.59 -3.09 10.40
N ALA B 140 -4.83 -3.52 9.37
CA ALA B 140 -3.54 -4.17 9.58
C ALA B 140 -2.52 -3.17 10.16
N VAL B 141 -2.45 -1.95 9.59
CA VAL B 141 -1.52 -0.93 10.03
C VAL B 141 -1.82 -0.53 11.48
N HIS B 142 -3.11 -0.33 11.81
CA HIS B 142 -3.51 0.02 13.17
C HIS B 142 -3.01 -1.01 14.19
N ALA B 143 -3.07 -2.29 13.81
CA ALA B 143 -2.63 -3.36 14.71
C ALA B 143 -1.13 -3.23 14.98
N ILE B 144 -0.31 -3.09 13.92
CA ILE B 144 1.13 -2.96 14.08
C ILE B 144 1.49 -1.68 14.85
N ARG B 145 0.85 -0.55 14.54
CA ARG B 145 1.13 0.73 15.20
C ARG B 145 0.87 0.64 16.71
N ASN B 146 -0.22 -0.04 17.12
CA ASN B 146 -0.58 -0.12 18.52
C ASN B 146 0.29 -1.14 19.25
N LEU B 147 0.61 -2.30 18.61
CA LEU B 147 1.56 -3.22 19.22
C LEU B 147 2.91 -2.53 19.47
N ALA B 148 3.40 -1.77 18.49
CA ALA B 148 4.66 -1.08 18.63
C ALA B 148 4.61 -0.06 19.78
N ARG B 149 3.48 0.64 19.91
CA ARG B 149 3.34 1.61 20.98
C ARG B 149 3.31 0.95 22.36
N ILE B 150 2.60 -0.18 22.52
CA ILE B 150 2.51 -0.88 23.79
C ILE B 150 3.92 -1.34 24.20
N GLY B 151 4.72 -1.74 23.21
CA GLY B 151 6.04 -2.30 23.45
C GLY B 151 7.15 -1.25 23.62
N PHE B 152 6.83 0.04 23.50
CA PHE B 152 7.86 1.06 23.44
C PHE B 152 8.65 1.03 24.75
N GLY B 153 9.99 1.05 24.63
CA GLY B 153 10.86 0.84 25.78
C GLY B 153 11.41 -0.59 25.90
N LYS B 154 10.74 -1.58 25.29
CA LYS B 154 11.19 -2.97 25.35
C LYS B 154 11.52 -3.55 23.96
N VAL B 155 10.90 -3.03 22.90
CA VAL B 155 11.13 -3.42 21.52
C VAL B 155 11.13 -2.18 20.62
N VAL B 156 11.82 -2.26 19.50
CA VAL B 156 11.74 -1.24 18.45
C VAL B 156 11.39 -1.94 17.14
N VAL B 157 10.90 -1.18 16.16
CA VAL B 157 10.62 -1.70 14.83
C VAL B 157 11.91 -1.68 14.00
N ARG B 158 12.35 -2.85 13.50
CA ARG B 158 13.57 -2.91 12.71
C ARG B 158 13.26 -2.64 11.24
N TRP B 159 12.22 -3.31 10.69
CA TRP B 159 11.83 -3.09 9.30
C TRP B 159 10.36 -3.48 9.15
N SER B 160 9.69 -2.96 8.11
CA SER B 160 8.25 -3.09 7.93
CA SER B 160 8.27 -3.22 7.92
C SER B 160 7.96 -3.21 6.43
N GLN B 161 7.01 -4.10 6.05
CA GLN B 161 6.63 -4.25 4.66
C GLN B 161 5.10 -4.30 4.53
N LEU B 162 4.55 -3.44 3.68
CA LEU B 162 3.16 -3.55 3.21
C LEU B 162 3.05 -4.42 1.96
N GLY B 163 1.97 -5.17 1.83
CA GLY B 163 1.69 -5.93 0.62
C GLY B 163 0.20 -6.09 0.30
N PHE B 164 -0.09 -6.62 -0.92
CA PHE B 164 -1.43 -6.79 -1.45
C PHE B 164 -1.49 -8.06 -2.31
N GLY B 165 -2.65 -8.72 -2.25
CA GLY B 165 -2.99 -9.83 -3.10
C GLY B 165 -4.22 -9.43 -3.95
N LYS B 166 -5.30 -10.20 -3.86
CA LYS B 166 -6.54 -9.87 -4.57
CA LYS B 166 -6.53 -9.88 -4.57
C LYS B 166 -7.34 -8.87 -3.75
N THR B 167 -8.35 -8.26 -4.38
CA THR B 167 -9.37 -7.49 -3.69
C THR B 167 -10.68 -8.30 -3.78
N SER B 168 -11.11 -8.85 -2.63
CA SER B 168 -12.15 -9.89 -2.58
C SER B 168 -13.54 -9.34 -2.94
N SER B 169 -13.78 -8.05 -2.69
CA SER B 169 -15.06 -7.45 -3.01
C SER B 169 -15.36 -7.58 -4.51
N THR B 170 -14.33 -7.56 -5.38
CA THR B 170 -14.51 -7.47 -6.83
C THR B 170 -13.99 -8.73 -7.57
N THR B 171 -13.33 -9.68 -6.89
CA THR B 171 -12.58 -10.76 -7.51
C THR B 171 -13.03 -12.10 -6.89
N PRO B 172 -13.47 -13.12 -7.67
CA PRO B 172 -13.97 -14.35 -7.06
C PRO B 172 -12.91 -15.11 -6.25
N ASP B 173 -13.38 -15.82 -5.22
CA ASP B 173 -12.50 -16.47 -4.25
C ASP B 173 -11.69 -17.59 -4.91
N LYS B 174 -12.25 -18.29 -5.90
CA LYS B 174 -11.59 -19.42 -6.53
C LYS B 174 -10.61 -18.99 -7.65
N GLN B 175 -10.61 -17.72 -8.06
CA GLN B 175 -9.70 -17.25 -9.10
C GLN B 175 -8.28 -17.17 -8.52
N THR B 176 -7.31 -17.75 -9.23
CA THR B 176 -5.92 -17.63 -8.80
C THR B 176 -5.47 -16.19 -9.01
N PRO B 177 -4.81 -15.54 -8.03
CA PRO B 177 -4.27 -14.21 -8.25
C PRO B 177 -3.09 -14.24 -9.23
N ARG B 178 -2.86 -13.11 -9.91
CA ARG B 178 -1.66 -12.92 -10.72
C ARG B 178 -0.64 -12.08 -9.97
N ASN B 179 0.65 -12.45 -10.12
CA ASN B 179 1.76 -11.64 -9.62
C ASN B 179 2.03 -10.49 -10.58
N LEU B 180 3.00 -9.62 -10.24
CA LEU B 180 3.26 -8.42 -11.04
C LEU B 180 4.01 -8.72 -12.34
N LEU B 181 4.40 -9.98 -12.56
CA LEU B 181 4.87 -10.36 -13.89
C LEU B 181 3.72 -10.73 -14.83
N GLY B 182 2.47 -10.79 -14.33
CA GLY B 182 1.30 -11.09 -15.15
C GLY B 182 0.94 -12.59 -15.22
N PHE B 183 1.60 -13.44 -14.43
CA PHE B 183 1.34 -14.86 -14.37
C PHE B 183 0.53 -15.23 -13.13
N LYS B 184 -0.40 -16.19 -13.30
CA LYS B 184 -1.11 -16.79 -12.20
C LYS B 184 -0.08 -17.37 -11.22
N ASP B 185 -0.32 -17.15 -9.94
CA ASP B 185 0.61 -17.50 -8.89
C ASP B 185 -0.18 -18.17 -7.76
N GLY B 186 0.04 -19.47 -7.57
CA GLY B 186 -0.49 -20.22 -6.42
C GLY B 186 -1.20 -21.53 -6.81
N THR B 187 -1.19 -21.88 -8.11
CA THR B 187 -1.93 -23.03 -8.63
C THR B 187 -1.63 -24.30 -7.84
N ARG B 188 -0.34 -24.63 -7.68
CA ARG B 188 0.07 -25.89 -7.08
C ARG B 188 0.75 -25.55 -5.75
N ASN B 189 -0.04 -25.53 -4.69
CA ASN B 189 0.37 -25.08 -3.37
C ASN B 189 -0.30 -26.03 -2.38
N ILE B 190 0.09 -25.98 -1.12
CA ILE B 190 -0.69 -26.63 -0.09
C ILE B 190 -1.88 -25.72 0.28
N ALA B 191 -3.09 -26.26 0.33
CA ALA B 191 -4.27 -25.51 0.75
C ALA B 191 -4.61 -25.80 2.20
N GLY B 192 -5.26 -24.82 2.85
CA GLY B 192 -5.64 -24.93 4.26
C GLY B 192 -6.65 -26.04 4.55
N THR B 193 -7.30 -26.57 3.51
CA THR B 193 -8.23 -27.70 3.63
C THR B 193 -7.53 -29.05 3.76
N GLU B 194 -6.24 -29.11 3.40
CA GLU B 194 -5.50 -30.36 3.30
C GLU B 194 -4.82 -30.73 4.63
N LYS B 195 -5.63 -31.25 5.57
CA LYS B 195 -5.20 -31.50 6.93
CA LYS B 195 -5.19 -31.47 6.93
C LYS B 195 -3.98 -32.41 6.98
N ASP B 196 -4.01 -33.53 6.24
CA ASP B 196 -2.90 -34.47 6.26
CA ASP B 196 -2.92 -34.49 6.21
C ASP B 196 -1.63 -33.86 5.67
N ARG B 197 -1.72 -33.12 4.57
CA ARG B 197 -0.54 -32.49 3.98
C ARG B 197 0.05 -31.42 4.92
N LEU B 198 -0.80 -30.73 5.70
CA LEU B 198 -0.30 -29.80 6.70
C LEU B 198 0.50 -30.53 7.80
N ASP B 199 -0.01 -31.68 8.26
CA ASP B 199 0.67 -32.48 9.27
C ASP B 199 2.01 -33.01 8.76
N ARG B 200 2.09 -33.36 7.46
CA ARG B 200 3.31 -33.91 6.90
C ARG B 200 4.34 -32.82 6.62
N PHE B 201 3.92 -31.64 6.12
CA PHE B 201 4.87 -30.68 5.57
C PHE B 201 4.95 -29.32 6.29
N VAL B 202 3.99 -28.98 7.17
CA VAL B 202 3.93 -27.64 7.73
C VAL B 202 4.10 -27.62 9.26
N TRP B 203 3.34 -28.42 10.02
CA TRP B 203 3.35 -28.36 11.48
C TRP B 203 4.50 -29.18 12.09
N ALA B 204 5.15 -28.58 13.10
CA ALA B 204 6.14 -29.27 13.90
C ALA B 204 5.48 -30.31 14.81
N ALA B 205 6.09 -31.51 14.85
CA ALA B 205 5.63 -32.62 15.68
C ALA B 205 6.52 -32.78 16.92
N GLU B 206 5.96 -33.42 17.97
CA GLU B 206 6.68 -33.61 19.23
C GLU B 206 7.95 -34.43 19.02
N LYS B 207 7.88 -35.40 18.13
CA LYS B 207 9.00 -36.31 17.92
C LYS B 207 10.07 -35.67 17.06
N ASP B 208 9.84 -34.45 16.53
CA ASP B 208 10.83 -33.80 15.70
C ASP B 208 12.02 -33.31 16.52
N GLY B 209 11.88 -33.20 17.84
CA GLY B 209 13.06 -32.96 18.67
C GLY B 209 12.95 -31.73 19.59
N THR B 210 11.96 -30.86 19.38
CA THR B 210 11.82 -29.65 20.19
C THR B 210 10.40 -29.56 20.72
N PRO B 211 10.15 -30.09 21.93
CA PRO B 211 8.79 -30.17 22.46
C PRO B 211 7.99 -28.86 22.55
N TRP B 212 8.64 -27.74 22.90
CA TRP B 212 7.90 -26.49 23.02
C TRP B 212 7.31 -26.03 21.67
N MET B 213 7.82 -26.53 20.54
CA MET B 213 7.38 -26.06 19.23
C MET B 213 6.26 -26.93 18.62
N THR B 214 5.83 -27.99 19.32
CA THR B 214 4.76 -28.87 18.85
C THR B 214 3.51 -28.06 18.47
N GLY B 215 3.11 -28.19 17.21
CA GLY B 215 1.98 -27.45 16.66
C GLY B 215 2.33 -26.07 16.10
N GLY B 216 3.60 -25.68 16.22
CA GLY B 216 4.13 -24.49 15.56
C GLY B 216 4.57 -24.78 14.12
N SER B 217 5.24 -23.81 13.47
CA SER B 217 5.80 -23.97 12.13
C SER B 217 7.03 -23.07 11.99
N TYR B 218 7.75 -23.17 10.87
CA TYR B 218 8.93 -22.38 10.60
C TYR B 218 8.64 -21.53 9.38
N LEU B 219 9.03 -20.26 9.46
CA LEU B 219 8.72 -19.24 8.45
C LEU B 219 10.02 -18.75 7.84
N VAL B 220 10.05 -18.66 6.51
CA VAL B 220 11.08 -17.95 5.77
C VAL B 220 10.45 -16.78 5.05
N ALA B 221 11.04 -15.58 5.23
CA ALA B 221 10.65 -14.39 4.50
C ALA B 221 11.77 -13.92 3.57
N ARG B 222 11.41 -13.62 2.31
CA ARG B 222 12.32 -13.06 1.32
C ARG B 222 11.66 -11.91 0.58
N ARG B 223 12.28 -10.73 0.64
CA ARG B 223 11.86 -9.59 -0.15
C ARG B 223 12.54 -9.70 -1.52
N ILE B 224 11.75 -9.98 -2.57
CA ILE B 224 12.32 -10.23 -3.88
C ILE B 224 11.90 -9.14 -4.86
N ARG B 225 12.83 -8.31 -5.26
CA ARG B 225 12.57 -7.25 -6.24
CA ARG B 225 12.56 -7.26 -6.23
C ARG B 225 12.48 -7.86 -7.64
N MET B 226 11.55 -7.35 -8.45
CA MET B 226 11.49 -7.70 -9.86
C MET B 226 12.07 -6.56 -10.70
N HIS B 227 12.74 -6.92 -11.81
CA HIS B 227 13.24 -5.93 -12.75
C HIS B 227 12.19 -5.69 -13.82
N ILE B 228 11.20 -4.87 -13.47
CA ILE B 228 9.94 -4.77 -14.19
C ILE B 228 10.18 -4.33 -15.62
N GLU B 229 11.02 -3.32 -15.81
CA GLU B 229 11.14 -2.67 -17.12
C GLU B 229 11.86 -3.60 -18.11
N THR B 230 12.77 -4.44 -17.60
CA THR B 230 13.48 -5.47 -18.39
C THR B 230 12.53 -6.60 -18.78
N TRP B 231 11.78 -7.13 -17.81
CA TRP B 231 10.78 -8.16 -18.07
C TRP B 231 9.79 -7.73 -19.16
N ASP B 232 9.33 -6.47 -19.10
CA ASP B 232 8.28 -5.99 -19.99
C ASP B 232 8.78 -5.82 -21.43
N ARG B 233 10.10 -5.81 -21.63
CA ARG B 233 10.70 -5.82 -22.97
C ARG B 233 10.93 -7.24 -23.50
N ALA B 234 10.72 -8.29 -22.70
CA ALA B 234 10.89 -9.65 -23.18
C ALA B 234 9.72 -10.07 -24.07
N SER B 235 9.97 -10.95 -25.05
CA SER B 235 8.89 -11.50 -25.84
C SER B 235 7.95 -12.41 -25.01
N LEU B 236 6.72 -12.55 -25.49
CA LEU B 236 5.75 -13.47 -24.90
C LEU B 236 6.33 -14.88 -24.79
N GLN B 237 7.01 -15.33 -25.85
CA GLN B 237 7.57 -16.68 -25.82
C GLN B 237 8.65 -16.84 -24.73
N GLU B 238 9.49 -15.81 -24.58
CA GLU B 238 10.54 -15.83 -23.56
CA GLU B 238 10.53 -15.83 -23.56
C GLU B 238 9.91 -15.90 -22.16
N GLN B 239 8.86 -15.09 -21.94
CA GLN B 239 8.22 -15.08 -20.63
C GLN B 239 7.62 -16.45 -20.28
N GLU B 240 6.94 -17.09 -21.26
CA GLU B 240 6.33 -18.39 -21.04
C GLU B 240 7.39 -19.48 -20.84
N ASP B 241 8.50 -19.42 -21.58
CA ASP B 241 9.58 -20.39 -21.44
C ASP B 241 10.27 -20.31 -20.06
N VAL B 242 10.37 -19.10 -19.49
CA VAL B 242 10.90 -18.92 -18.13
C VAL B 242 10.10 -19.74 -17.10
N PHE B 243 8.77 -19.83 -17.22
CA PHE B 243 7.96 -20.50 -16.20
C PHE B 243 7.63 -21.96 -16.53
N GLY B 244 7.37 -22.25 -17.81
CA GLY B 244 6.87 -23.54 -18.22
C GLY B 244 5.33 -23.63 -18.22
N ARG B 245 4.64 -22.48 -18.09
CA ARG B 245 3.18 -22.37 -18.23
C ARG B 245 2.89 -21.22 -19.18
N ASP B 246 1.70 -21.19 -19.80
CA ASP B 246 1.36 -20.09 -20.71
C ASP B 246 0.82 -18.92 -19.90
N LYS B 247 0.83 -17.70 -20.47
CA LYS B 247 0.47 -16.51 -19.70
C LYS B 247 -1.05 -16.33 -19.55
N GLY B 248 -1.83 -16.53 -20.63
CA GLY B 248 -3.28 -16.34 -20.59
C GLY B 248 -4.01 -17.30 -19.64
N GLU B 249 -3.81 -18.59 -19.83
CA GLU B 249 -4.56 -19.56 -19.04
C GLU B 249 -3.72 -20.08 -17.86
N GLY B 250 -2.39 -20.07 -17.96
CA GLY B 250 -1.58 -20.62 -16.89
C GLY B 250 -1.51 -22.14 -16.88
N ALA B 251 -1.78 -22.76 -18.05
CA ALA B 251 -1.68 -24.20 -18.17
C ALA B 251 -0.23 -24.64 -18.34
N PRO B 252 0.19 -25.83 -17.87
CA PRO B 252 1.51 -26.34 -18.22
C PRO B 252 1.68 -26.50 -19.73
N VAL B 253 2.91 -26.35 -20.25
CA VAL B 253 3.11 -26.49 -21.69
C VAL B 253 2.56 -27.86 -22.11
N GLY B 254 1.89 -27.86 -23.25
CA GLY B 254 1.40 -29.08 -23.84
C GLY B 254 0.09 -29.52 -23.21
N LYS B 255 -0.47 -28.72 -22.31
CA LYS B 255 -1.76 -28.99 -21.68
C LYS B 255 -2.72 -27.84 -21.97
N ALA B 256 -3.99 -28.01 -21.55
CA ALA B 256 -5.05 -27.09 -21.93
C ALA B 256 -5.56 -26.23 -20.77
N LYS B 257 -5.54 -26.74 -19.52
CA LYS B 257 -6.16 -26.06 -18.39
C LYS B 257 -5.16 -25.81 -17.26
N GLU B 258 -5.39 -24.71 -16.54
CA GLU B 258 -4.54 -24.26 -15.43
C GLU B 258 -4.22 -25.42 -14.49
N ARG B 259 -5.25 -26.18 -14.06
CA ARG B 259 -5.07 -27.22 -13.05
C ARG B 259 -4.66 -28.59 -13.60
N ASP B 260 -4.49 -28.73 -14.91
CA ASP B 260 -3.87 -29.93 -15.45
C ASP B 260 -2.49 -30.16 -14.83
N GLU B 261 -2.16 -31.41 -14.47
CA GLU B 261 -0.89 -31.69 -13.80
C GLU B 261 0.23 -31.52 -14.82
N PRO B 262 1.37 -30.92 -14.42
CA PRO B 262 2.47 -30.69 -15.36
C PRO B 262 3.15 -31.97 -15.83
N PHE B 263 3.64 -31.94 -17.08
CA PHE B 263 4.58 -32.92 -17.58
C PHE B 263 5.95 -32.26 -17.66
N LEU B 264 6.84 -32.59 -16.72
CA LEU B 264 8.05 -31.79 -16.50
C LEU B 264 8.98 -31.84 -17.73
N LYS B 265 8.98 -32.98 -18.45
CA LYS B 265 9.88 -33.20 -19.55
C LYS B 265 9.59 -32.29 -20.75
N ALA B 266 8.39 -31.74 -20.87
CA ALA B 266 8.05 -30.83 -21.95
C ALA B 266 8.56 -29.41 -21.65
N MET B 267 8.90 -29.11 -20.39
CA MET B 267 9.42 -27.78 -20.08
C MET B 267 10.93 -27.70 -20.32
N LYS B 268 11.44 -26.49 -20.54
CA LYS B 268 12.89 -26.32 -20.62
C LYS B 268 13.54 -26.72 -19.29
N PRO B 269 14.79 -27.20 -19.34
CA PRO B 269 15.45 -27.73 -18.14
C PRO B 269 15.60 -26.72 -17.02
N ASP B 270 15.73 -25.43 -17.34
CA ASP B 270 15.88 -24.42 -16.30
C ASP B 270 14.61 -23.57 -16.11
N ALA B 271 13.45 -24.05 -16.56
CA ALA B 271 12.18 -23.40 -16.30
C ALA B 271 11.83 -23.47 -14.80
N HIS B 272 11.26 -22.36 -14.28
CA HIS B 272 11.04 -22.21 -12.83
C HIS B 272 10.18 -23.36 -12.26
N VAL B 273 9.06 -23.69 -12.89
CA VAL B 273 8.20 -24.78 -12.39
C VAL B 273 8.90 -26.13 -12.32
N ARG B 274 9.70 -26.45 -13.35
CA ARG B 274 10.44 -27.69 -13.37
C ARG B 274 11.45 -27.81 -12.22
N LEU B 275 12.15 -26.71 -11.91
CA LEU B 275 13.14 -26.72 -10.84
C LEU B 275 12.50 -26.74 -9.46
N ALA B 276 11.32 -26.09 -9.31
CA ALA B 276 10.67 -25.92 -8.01
C ALA B 276 9.76 -27.08 -7.61
N HIS B 277 9.37 -27.91 -8.55
CA HIS B 277 8.40 -28.98 -8.32
C HIS B 277 8.93 -29.97 -7.29
N PRO B 278 8.07 -30.55 -6.42
CA PRO B 278 8.51 -31.57 -5.48
C PRO B 278 9.27 -32.75 -6.08
N ASP B 279 8.85 -33.21 -7.28
CA ASP B 279 9.50 -34.36 -7.91
C ASP B 279 10.94 -34.04 -8.31
N SER B 280 11.32 -32.75 -8.42
CA SER B 280 12.70 -32.38 -8.71
C SER B 280 13.51 -32.19 -7.43
N ASN B 281 12.87 -32.33 -6.24
CA ASN B 281 13.47 -31.96 -4.96
C ASN B 281 13.21 -33.04 -3.91
N GLY B 282 13.14 -34.31 -4.33
CA GLY B 282 13.04 -35.40 -3.39
C GLY B 282 11.73 -35.40 -2.60
N GLY B 283 10.69 -34.74 -3.12
CA GLY B 283 9.40 -34.69 -2.44
C GLY B 283 9.19 -33.43 -1.59
N ALA B 284 10.17 -32.55 -1.52
CA ALA B 284 10.07 -31.34 -0.70
C ALA B 284 8.92 -30.44 -1.19
N THR B 285 8.02 -30.04 -0.25
CA THR B 285 6.78 -29.34 -0.56
C THR B 285 6.60 -28.20 0.46
N LEU B 286 6.13 -27.03 0.01
CA LEU B 286 6.07 -25.81 0.83
C LEU B 286 4.63 -25.28 0.88
N LEU B 287 4.26 -24.55 1.93
CA LEU B 287 3.09 -23.68 1.89
CA LEU B 287 3.09 -23.68 1.91
C LEU B 287 3.55 -22.25 1.60
N ARG B 288 3.22 -21.76 0.40
CA ARG B 288 3.49 -20.37 0.02
C ARG B 288 2.30 -19.49 0.46
N ARG B 289 2.61 -18.34 1.07
CA ARG B 289 1.60 -17.40 1.57
C ARG B 289 2.06 -15.94 1.41
N GLY B 290 2.73 -15.64 0.31
CA GLY B 290 3.33 -14.35 0.02
C GLY B 290 2.37 -13.34 -0.61
N TYR B 291 2.85 -12.09 -0.71
CA TYR B 291 2.07 -10.93 -1.14
C TYR B 291 2.92 -10.10 -2.10
N SER B 292 2.28 -9.51 -3.10
CA SER B 292 2.93 -8.52 -3.95
C SER B 292 3.20 -7.23 -3.19
N PHE B 293 4.25 -6.49 -3.62
CA PHE B 293 4.49 -5.17 -3.09
C PHE B 293 4.76 -4.18 -4.22
N THR B 294 4.41 -2.93 -4.00
CA THR B 294 4.90 -1.81 -4.81
C THR B 294 5.11 -0.64 -3.84
N ASP B 295 6.38 -0.22 -3.70
CA ASP B 295 6.76 0.76 -2.69
C ASP B 295 6.92 2.17 -3.29
N GLY B 296 7.07 2.28 -4.61
CA GLY B 296 7.32 3.60 -5.20
C GLY B 296 8.26 3.48 -6.37
N THR B 297 9.02 4.53 -6.65
CA THR B 297 10.01 4.43 -7.70
C THR B 297 11.37 4.81 -7.11
N ASP B 298 12.44 4.21 -7.64
CA ASP B 298 13.80 4.42 -7.14
C ASP B 298 14.42 5.64 -7.83
N GLY B 299 15.70 5.89 -7.56
CA GLY B 299 16.35 7.12 -7.98
C GLY B 299 16.53 7.22 -9.49
N LEU B 300 16.44 6.07 -10.18
CA LEU B 300 16.59 5.98 -11.62
C LEU B 300 15.25 6.00 -12.36
N GLY B 301 14.14 6.11 -11.63
CA GLY B 301 12.83 6.22 -12.26
C GLY B 301 12.15 4.85 -12.44
N ARG B 302 12.75 3.79 -11.89
CA ARG B 302 12.26 2.43 -12.06
C ARG B 302 11.32 2.05 -10.93
N LEU B 303 10.42 1.11 -11.21
CA LEU B 303 9.39 0.77 -10.26
C LEU B 303 9.97 -0.17 -9.19
N ASP B 304 9.83 0.21 -7.92
CA ASP B 304 10.28 -0.60 -6.80
C ASP B 304 9.14 -1.54 -6.43
N ALA B 305 9.11 -2.71 -7.07
CA ALA B 305 8.00 -3.64 -6.97
C ALA B 305 8.53 -5.07 -6.93
N GLY B 306 7.71 -6.01 -6.46
CA GLY B 306 8.14 -7.41 -6.39
C GLY B 306 7.18 -8.30 -5.64
N LEU B 307 7.75 -9.37 -5.09
CA LEU B 307 7.04 -10.37 -4.33
C LEU B 307 7.68 -10.43 -2.95
N PHE B 308 6.88 -10.20 -1.91
CA PHE B 308 7.28 -10.48 -0.54
C PHE B 308 6.92 -11.94 -0.26
N PHE B 309 7.90 -12.82 -0.43
CA PHE B 309 7.73 -14.25 -0.41
C PHE B 309 7.70 -14.73 1.04
N LEU B 310 6.66 -15.48 1.41
CA LEU B 310 6.55 -16.12 2.71
C LEU B 310 6.29 -17.61 2.52
N ALA B 311 7.10 -18.46 3.16
CA ALA B 311 6.92 -19.90 3.10
C ALA B 311 6.92 -20.47 4.52
N TYR B 312 5.92 -21.30 4.80
CA TYR B 312 5.84 -22.05 6.05
C TYR B 312 6.18 -23.51 5.76
N GLN B 313 6.83 -24.16 6.73
CA GLN B 313 7.29 -25.54 6.62
C GLN B 313 7.60 -26.17 7.99
N ARG B 314 7.64 -27.50 8.02
CA ARG B 314 7.92 -28.27 9.23
C ARG B 314 9.38 -28.17 9.65
N ASP B 315 10.29 -27.92 8.69
CA ASP B 315 11.72 -27.84 8.97
C ASP B 315 12.36 -27.08 7.82
N ILE B 316 13.08 -26.00 8.15
CA ILE B 316 13.71 -25.17 7.15
C ILE B 316 14.70 -26.00 6.30
N ARG B 317 15.36 -26.98 6.94
CA ARG B 317 16.39 -27.77 6.26
C ARG B 317 15.80 -28.68 5.18
N THR B 318 14.52 -29.05 5.30
CA THR B 318 13.86 -29.96 4.36
C THR B 318 12.75 -29.29 3.56
N GLY B 319 12.60 -27.97 3.71
CA GLY B 319 11.60 -27.25 2.94
C GLY B 319 12.26 -26.22 2.01
N PHE B 320 12.39 -24.98 2.49
CA PHE B 320 12.91 -23.89 1.67
C PHE B 320 14.32 -24.17 1.14
N VAL B 321 15.19 -24.70 2.00
CA VAL B 321 16.62 -24.74 1.66
C VAL B 321 16.83 -25.59 0.39
N PRO B 322 16.37 -26.85 0.32
CA PRO B 322 16.61 -27.65 -0.88
C PRO B 322 16.00 -27.06 -2.15
N VAL B 323 14.82 -26.41 -2.03
CA VAL B 323 14.12 -25.89 -3.19
C VAL B 323 14.87 -24.67 -3.72
N GLN B 324 15.20 -23.70 -2.86
CA GLN B 324 15.93 -22.51 -3.29
C GLN B 324 17.31 -22.90 -3.86
N ARG B 325 17.99 -23.86 -3.23
CA ARG B 325 19.25 -24.40 -3.77
C ARG B 325 19.08 -24.86 -5.22
N ASN B 326 17.95 -25.52 -5.53
CA ASN B 326 17.69 -26.02 -6.88
C ASN B 326 17.38 -24.92 -7.89
N LEU B 327 17.10 -23.70 -7.43
CA LEU B 327 16.85 -22.58 -8.34
C LEU B 327 18.15 -21.85 -8.73
N ALA B 328 19.32 -22.45 -8.45
CA ALA B 328 20.58 -21.81 -8.79
C ALA B 328 20.68 -21.45 -10.29
N THR B 329 20.04 -22.24 -11.18
CA THR B 329 20.12 -22.04 -12.62
C THR B 329 18.78 -21.62 -13.21
N ASP B 330 17.81 -21.23 -12.37
CA ASP B 330 16.49 -20.78 -12.81
C ASP B 330 16.59 -19.67 -13.86
N ALA B 331 15.83 -19.83 -14.97
CA ALA B 331 15.69 -18.80 -15.99
C ALA B 331 15.09 -17.50 -15.44
N LEU B 332 14.32 -17.57 -14.35
CA LEU B 332 13.76 -16.38 -13.70
C LEU B 332 14.85 -15.49 -13.07
N ASN B 333 16.06 -16.02 -12.80
CA ASN B 333 17.03 -15.25 -12.05
C ASN B 333 17.45 -13.98 -12.79
N GLU B 334 17.31 -13.96 -14.11
CA GLU B 334 17.65 -12.79 -14.90
C GLU B 334 16.77 -11.58 -14.52
N TYR B 335 15.58 -11.83 -13.96
CA TYR B 335 14.58 -10.79 -13.81
C TYR B 335 14.27 -10.46 -12.33
N ILE B 336 14.90 -11.17 -11.37
CA ILE B 336 14.60 -10.95 -9.95
C ILE B 336 15.91 -10.77 -9.19
N GLN B 337 15.84 -10.18 -8.00
CA GLN B 337 16.94 -10.18 -7.04
C GLN B 337 16.41 -10.27 -5.61
N HIS B 338 16.93 -11.21 -4.81
CA HIS B 338 16.60 -11.27 -3.40
C HIS B 338 17.36 -10.17 -2.64
N VAL B 339 16.59 -9.26 -1.98
CA VAL B 339 17.20 -8.09 -1.36
C VAL B 339 16.93 -8.02 0.16
N GLY B 340 16.16 -8.98 0.69
CA GLY B 340 15.94 -9.04 2.14
C GLY B 340 15.63 -10.45 2.57
N SER B 341 15.97 -10.82 3.82
CA SER B 341 15.77 -12.20 4.26
C SER B 341 15.58 -12.26 5.77
N ALA B 342 14.76 -13.21 6.26
CA ALA B 342 14.72 -13.49 7.69
C ALA B 342 14.05 -14.84 7.91
N VAL B 343 14.33 -15.48 9.05
CA VAL B 343 13.74 -16.77 9.41
C VAL B 343 13.18 -16.66 10.83
N PHE B 344 12.07 -17.37 11.10
CA PHE B 344 11.39 -17.29 12.39
C PHE B 344 10.79 -18.65 12.76
N ALA B 345 10.86 -18.98 14.05
CA ALA B 345 10.08 -20.07 14.64
C ALA B 345 8.75 -19.52 15.15
N VAL B 346 7.65 -20.02 14.58
CA VAL B 346 6.31 -19.55 14.88
C VAL B 346 5.68 -20.52 15.89
N PRO B 347 5.51 -20.13 17.18
CA PRO B 347 5.08 -21.07 18.20
C PRO B 347 3.66 -21.60 17.99
N PRO B 348 3.26 -22.59 18.79
CA PRO B 348 1.89 -23.11 18.78
C PRO B 348 0.87 -22.04 19.15
N GLY B 349 -0.39 -22.41 19.01
CA GLY B 349 -1.49 -21.47 19.20
C GLY B 349 -1.74 -21.13 20.67
N VAL B 350 -2.55 -20.08 20.85
CA VAL B 350 -3.04 -19.67 22.15
C VAL B 350 -4.30 -20.48 22.44
N ARG B 351 -4.24 -21.37 23.44
CA ARG B 351 -5.25 -22.40 23.64
C ARG B 351 -6.60 -21.83 24.09
N ASP B 352 -6.58 -20.83 24.98
CA ASP B 352 -7.79 -20.32 25.59
C ASP B 352 -7.51 -18.93 26.16
N ALA B 353 -8.48 -18.37 26.90
CA ALA B 353 -8.43 -17.01 27.42
C ALA B 353 -7.30 -16.78 28.43
N ASP B 354 -6.76 -17.83 29.06
CA ASP B 354 -5.73 -17.64 30.07
C ASP B 354 -4.31 -17.84 29.51
N ASP B 355 -4.20 -18.31 28.26
CA ASP B 355 -2.91 -18.60 27.65
C ASP B 355 -2.32 -17.32 27.07
N TRP B 356 -1.06 -17.39 26.60
CA TRP B 356 -0.37 -16.22 26.07
C TRP B 356 0.72 -16.68 25.08
N TRP B 357 1.01 -15.78 24.14
CA TRP B 357 2.03 -15.98 23.12
C TRP B 357 3.37 -16.37 23.76
N GLY B 358 3.95 -17.52 23.37
CA GLY B 358 5.25 -17.91 23.89
C GLY B 358 5.20 -18.67 25.22
N SER B 359 4.01 -19.05 25.73
CA SER B 359 3.93 -19.72 27.02
C SER B 359 4.69 -21.04 27.05
N THR B 360 4.73 -21.79 25.94
CA THR B 360 5.43 -23.09 25.94
C THR B 360 6.95 -22.91 26.02
N LEU B 361 7.47 -21.77 25.57
CA LEU B 361 8.91 -21.52 25.62
C LEU B 361 9.31 -20.93 26.97
N PHE B 362 8.53 -19.98 27.47
CA PHE B 362 8.93 -19.24 28.65
C PHE B 362 8.48 -19.94 29.92
N GLY B 363 7.42 -20.75 29.83
CA GLY B 363 6.86 -21.41 31.00
C GLY B 363 5.90 -20.48 31.70
CHA HEM C . -10.36 20.15 8.30
CHB HEM C . -6.82 17.14 9.62
CHC HEM C . -3.74 19.50 6.64
CHD HEM C . -7.42 22.35 5.21
C1A HEM C . -9.64 19.13 8.93
C2A HEM C . -10.23 18.24 9.88
C3A HEM C . -9.23 17.42 10.28
C4A HEM C . -8.05 17.77 9.54
CMA HEM C . -9.29 16.29 11.28
CAA HEM C . -11.68 18.31 10.43
CBA HEM C . -12.74 17.44 9.66
CGA HEM C . -13.00 18.01 8.29
O1A HEM C . -12.39 17.56 7.32
O2A HEM C . -13.83 18.95 8.15
C1B HEM C . -5.71 17.50 8.92
C2B HEM C . -4.43 16.79 9.03
C3B HEM C . -3.56 17.48 8.18
C4B HEM C . -4.31 18.61 7.58
CMB HEM C . -4.13 15.58 9.90
CAB HEM C . -2.14 17.24 7.81
CBB HEM C . -1.48 16.16 8.15
C1C HEM C . -4.45 20.50 5.98
C2C HEM C . -3.93 21.42 5.04
C3C HEM C . -4.96 22.24 4.61
C4C HEM C . -6.13 21.81 5.34
CMC HEM C . -2.50 21.42 4.60
CAC HEM C . -5.00 23.38 3.67
CBC HEM C . -3.97 24.13 3.44
C1D HEM C . -8.52 21.90 5.95
C2D HEM C . -9.84 22.50 5.74
C3D HEM C . -10.67 21.92 6.60
C4D HEM C . -9.83 20.95 7.34
CMD HEM C . -10.16 23.57 4.72
CAD HEM C . -12.17 22.19 6.74
CBD HEM C . -12.48 23.33 7.73
CGD HEM C . -13.96 23.71 7.74
O1D HEM C . -14.67 23.35 8.72
O2D HEM C . -14.44 24.34 6.75
NA HEM C . -8.30 18.81 8.74
NB HEM C . -5.57 18.51 8.03
NC HEM C . -5.81 20.79 6.16
ND HEM C . -8.57 20.97 6.91
FE HEM C . -7.07 19.88 7.54
CHA HEM D . 5.41 -22.04 -8.75
CHB HEM D . 6.32 -17.37 -9.70
CHC HEM D . 9.83 -17.36 -6.31
CHD HEM D . 8.71 -21.95 -5.25
C1A HEM D . 5.43 -20.79 -9.31
C2A HEM D . 4.56 -20.41 -10.36
C3A HEM D . 4.82 -19.08 -10.62
C4A HEM D . 5.82 -18.65 -9.72
CMA HEM D . 4.16 -18.22 -11.66
CAA HEM D . 3.54 -21.27 -11.10
CBA HEM D . 2.08 -21.29 -10.62
CGA HEM D . 2.04 -21.95 -9.27
O1A HEM D . 2.10 -21.17 -8.29
O2A HEM D . 1.99 -23.19 -9.14
C1B HEM D . 7.36 -16.93 -8.84
C2B HEM D . 7.86 -15.61 -8.82
C3B HEM D . 8.85 -15.59 -7.88
C4B HEM D . 8.94 -16.97 -7.31
CMB HEM D . 7.41 -14.42 -9.68
CAB HEM D . 9.73 -14.51 -7.40
CBB HEM D . 9.58 -13.24 -7.71
C1C HEM D . 9.86 -18.62 -5.71
C2C HEM D . 10.72 -19.07 -4.65
C3C HEM D . 10.40 -20.37 -4.36
C4C HEM D . 9.33 -20.73 -5.25
CMC HEM D . 11.76 -18.14 -4.01
CAC HEM D . 10.94 -21.37 -3.39
CBC HEM D . 12.14 -21.28 -2.86
C1D HEM D . 7.68 -22.30 -6.13
C2D HEM D . 7.01 -23.60 -6.03
C3D HEM D . 6.12 -23.63 -7.02
C4D HEM D . 6.23 -22.34 -7.69
CMD HEM D . 7.31 -24.72 -5.07
CAD HEM D . 5.19 -24.80 -7.33
CBD HEM D . 5.77 -25.85 -8.30
CGD HEM D . 4.85 -27.02 -8.52
O1D HEM D . 4.24 -27.13 -9.65
O2D HEM D . 4.72 -27.83 -7.56
NA HEM D . 6.18 -19.69 -8.92
NB HEM D . 7.99 -17.70 -7.93
NC HEM D . 9.05 -19.65 -6.08
ND HEM D . 7.20 -21.54 -7.11
FE HEM D . 7.73 -19.76 -7.64
#